data_1H28
#
_entry.id   1H28
#
_cell.length_a   149.503
_cell.length_b   162.514
_cell.length_c   71.375
_cell.angle_alpha   90.00
_cell.angle_beta   90.00
_cell.angle_gamma   90.00
#
_symmetry.space_group_name_H-M   'P 21 21 2'
#
loop_
_entity.id
_entity.type
_entity.pdbx_description
1 polymer 'CELL DIVISION PROTEIN KINASE 2'
2 polymer 'CYCLIN A2'
3 polymer 'RETINOBLASTOMA-LIKE PROTEIN 1'
4 water water
#
loop_
_entity_poly.entity_id
_entity_poly.type
_entity_poly.pdbx_seq_one_letter_code
_entity_poly.pdbx_strand_id
1 'polypeptide(L)'
;GPLGSMENFQKVEKIGEGTYGVVYKARNKLTGEVVALKKIRLDTETEGVPSTAIREISLLKELNHPNIVKLLDVIHTENK
LYLVFEFLHQDLKKFMDASALTGIPLPLIKSYLFQLLQGLAFCHSHRVLHRDLKPQNLLINTEGAIKLADFGLARAFGVP
VRTY(TPO)HEVVTLWYRAPEILLGCKYYSTAVDIWSLGCIFAEMVTRRALFPGDSEIDQLFRIFRTLGTPDEVVWPGVT
SMPDYKPSFPKWARQDFSKVVPPLDEDGRSLLSQMLHYDPNKRISAKAALAHPFFQDVTKPVPHLRL
;
A,C
2 'polypeptide(L)'
;EVPDYHEDIHTYLREMEVKCKPKVGYMKKQPDITNSMRAILVDWLVEVGEEYKLQNETLHLAVNYIDRFLSSMSVLRGKL
QLVGTAAMLLASKFEEIYPPEVAEFVYITDDTYTKKQVLRMEHLVLKVLTFDLAAPTVNQFLTQYFLHQQPANCKVESLA
MFLGELSLIDADPYLKYLPSVIAGAAFHLALYTVTGQSWPESLIRKTGYTLESLKPCLMDLHQTYLKAPQHAQQSIREKY
KNSKYHGVSLLNPPETLNL
;
B,D
3 'polypeptide(L)' AGSAKRRLFGE E,F
#
# COMPACT_ATOMS: atom_id res chain seq x y z
N SER A 5 -12.12 -8.70 -13.66
CA SER A 5 -12.85 -7.71 -12.81
C SER A 5 -14.00 -8.36 -12.01
N MET A 6 -15.21 -8.10 -12.53
CA MET A 6 -16.44 -8.86 -12.29
C MET A 6 -16.42 -10.08 -13.14
N GLU A 7 -15.44 -10.14 -14.03
CA GLU A 7 -15.16 -11.39 -14.73
C GLU A 7 -15.04 -12.54 -13.73
N ASN A 8 -14.91 -12.20 -12.45
CA ASN A 8 -14.52 -13.16 -11.42
C ASN A 8 -15.62 -13.30 -10.36
N PHE A 9 -16.70 -12.56 -10.55
CA PHE A 9 -17.86 -12.67 -9.70
C PHE A 9 -19.04 -13.16 -10.56
N GLN A 10 -19.94 -13.88 -9.92
CA GLN A 10 -21.18 -14.36 -10.51
C GLN A 10 -22.25 -13.80 -9.61
N LYS A 11 -23.20 -13.13 -10.21
CA LYS A 11 -24.33 -12.60 -9.47
C LYS A 11 -25.25 -13.76 -9.12
N VAL A 12 -25.91 -13.68 -7.98
CA VAL A 12 -26.63 -14.85 -7.48
C VAL A 12 -28.13 -14.62 -7.39
N GLU A 13 -28.56 -13.69 -6.52
CA GLU A 13 -29.89 -13.06 -6.59
C GLU A 13 -29.67 -11.52 -6.47
N LYS A 14 -30.70 -10.68 -6.49
CA LYS A 14 -30.55 -9.26 -6.12
C LYS A 14 -31.16 -9.05 -4.77
N ILE A 15 -30.35 -8.74 -3.78
CA ILE A 15 -30.82 -8.81 -2.40
C ILE A 15 -31.62 -7.57 -2.12
N GLY A 16 -31.13 -6.47 -2.64
CA GLY A 16 -31.50 -5.18 -2.10
C GLY A 16 -31.16 -4.11 -3.11
N GLU A 17 -32.00 -3.09 -3.20
CA GLU A 17 -31.78 -1.97 -4.12
C GLU A 17 -31.91 -0.69 -3.34
N GLY A 18 -31.05 0.27 -3.65
CA GLY A 18 -30.90 1.49 -2.87
C GLY A 18 -30.45 2.64 -3.77
N THR A 19 -30.44 3.84 -3.19
CA THR A 19 -29.68 4.97 -3.74
C THR A 19 -29.32 4.98 -5.28
N TYR A 20 -28.24 4.32 -5.73
CA TYR A 20 -27.63 4.63 -7.05
C TYR A 20 -27.49 3.45 -8.02
N GLY A 21 -27.90 2.29 -7.54
CA GLY A 21 -28.02 1.09 -8.35
C GLY A 21 -28.54 -0.01 -7.45
N VAL A 22 -28.08 -1.23 -7.65
CA VAL A 22 -28.70 -2.32 -6.95
C VAL A 22 -27.74 -2.83 -5.91
N VAL A 23 -28.09 -3.96 -5.31
CA VAL A 23 -27.25 -4.66 -4.36
C VAL A 23 -27.45 -6.20 -4.46
N TYR A 24 -26.39 -6.91 -4.88
CA TYR A 24 -26.46 -8.34 -5.28
C TYR A 24 -25.70 -9.29 -4.37
N LYS A 25 -26.28 -10.46 -4.07
CA LYS A 25 -25.57 -11.58 -3.47
C LYS A 25 -24.64 -12.03 -4.54
N ALA A 26 -23.36 -12.21 -4.24
CA ALA A 26 -22.41 -12.66 -5.26
C ALA A 26 -21.32 -13.60 -4.73
N ARG A 27 -20.92 -14.56 -5.55
CA ARG A 27 -19.90 -15.45 -5.12
C ARG A 27 -18.68 -15.29 -6.00
N ASN A 28 -17.53 -15.44 -5.35
CA ASN A 28 -16.27 -15.19 -6.02
C ASN A 28 -15.81 -16.55 -6.55
N LYS A 29 -15.80 -16.69 -7.89
CA LYS A 29 -15.61 -17.96 -8.60
C LYS A 29 -14.28 -18.66 -8.32
N LEU A 30 -13.26 -17.90 -7.95
CA LEU A 30 -11.99 -18.48 -7.59
C LEU A 30 -11.88 -18.98 -6.14
N THR A 31 -12.38 -18.18 -5.22
CA THR A 31 -12.29 -18.42 -3.77
C THR A 31 -13.59 -18.96 -3.07
N GLY A 32 -14.72 -18.93 -3.79
CA GLY A 32 -16.03 -19.23 -3.24
C GLY A 32 -16.68 -18.16 -2.36
N GLU A 33 -15.94 -17.13 -1.94
CA GLU A 33 -16.43 -16.27 -0.86
C GLU A 33 -17.73 -15.65 -1.33
N VAL A 34 -18.74 -15.70 -0.47
CA VAL A 34 -20.00 -15.11 -0.83
C VAL A 34 -19.90 -13.66 -0.44
N VAL A 35 -20.23 -12.77 -1.34
CA VAL A 35 -20.04 -11.36 -1.08
C VAL A 35 -21.34 -10.65 -1.40
N ALA A 36 -21.49 -9.44 -0.87
CA ALA A 36 -22.46 -8.46 -1.34
C ALA A 36 -21.82 -7.45 -2.27
N LEU A 37 -22.43 -7.22 -3.42
CA LEU A 37 -21.93 -6.26 -4.42
C LEU A 37 -22.94 -5.19 -4.65
N LYS A 38 -22.59 -3.99 -4.21
CA LYS A 38 -23.32 -2.77 -4.47
C LYS A 38 -22.71 -2.14 -5.68
N LYS A 39 -23.37 -2.25 -6.82
CA LYS A 39 -23.02 -1.41 -7.98
C LYS A 39 -23.41 0.09 -7.82
N ILE A 40 -22.49 0.98 -8.20
CA ILE A 40 -22.77 2.42 -8.22
C ILE A 40 -22.59 2.96 -9.63
N ARG A 41 -23.69 3.45 -10.19
CA ARG A 41 -23.73 3.95 -11.56
C ARG A 41 -23.10 5.34 -11.63
N LEU A 42 -22.22 5.52 -12.60
CA LEU A 42 -21.44 6.75 -12.71
C LEU A 42 -21.97 7.64 -13.81
N ASP A 43 -21.33 7.54 -14.97
CA ASP A 43 -21.69 8.28 -16.16
C ASP A 43 -20.88 9.57 -16.23
N THR A 44 -20.15 9.73 -17.33
CA THR A 44 -19.49 10.99 -17.64
C THR A 44 -20.50 12.06 -18.03
N GLU A 45 -20.15 13.32 -17.74
CA GLU A 45 -21.04 14.48 -17.87
C GLU A 45 -22.00 14.73 -16.68
N THR A 46 -22.49 13.67 -16.07
CA THR A 46 -23.13 13.76 -14.75
C THR A 46 -22.11 14.14 -13.66
N GLU A 47 -22.51 14.06 -12.41
CA GLU A 47 -21.70 14.61 -11.36
C GLU A 47 -20.47 13.78 -11.06
N GLY A 48 -20.13 12.91 -11.99
CA GLY A 48 -19.07 11.96 -11.74
C GLY A 48 -19.42 10.82 -10.80
N VAL A 49 -18.50 10.51 -9.90
CA VAL A 49 -18.76 9.60 -8.82
C VAL A 49 -19.59 10.44 -7.89
N PRO A 50 -20.77 9.94 -7.50
CA PRO A 50 -21.62 10.62 -6.53
C PRO A 50 -20.97 10.63 -5.16
N SER A 51 -21.37 11.57 -4.30
CA SER A 51 -20.66 11.78 -3.06
C SER A 51 -21.10 10.90 -1.91
N THR A 52 -22.26 10.29 -1.97
CA THR A 52 -22.59 9.28 -0.99
C THR A 52 -21.44 8.33 -1.07
N ALA A 53 -21.15 7.91 -2.30
CA ALA A 53 -20.05 6.99 -2.64
C ALA A 53 -18.73 7.45 -2.09
N ILE A 54 -18.30 8.62 -2.47
CA ILE A 54 -17.02 9.12 -2.05
C ILE A 54 -16.89 9.01 -0.54
N ARG A 55 -17.87 9.53 0.16
CA ARG A 55 -17.95 9.41 1.61
C ARG A 55 -18.12 7.96 2.02
N GLU A 56 -18.96 7.23 1.28
CA GLU A 56 -19.24 5.87 1.69
C GLU A 56 -17.99 5.02 1.78
N ILE A 57 -17.06 5.27 0.88
CA ILE A 57 -15.86 4.46 0.73
C ILE A 57 -14.81 5.02 1.67
N SER A 58 -14.36 6.23 1.42
CA SER A 58 -13.30 6.76 2.21
C SER A 58 -13.54 6.50 3.67
N LEU A 59 -14.78 6.52 4.12
CA LEU A 59 -15.05 6.46 5.56
C LEU A 59 -15.04 5.03 6.04
N LEU A 60 -15.70 4.19 5.25
CA LEU A 60 -15.72 2.76 5.42
C LEU A 60 -14.32 2.20 5.38
N LYS A 61 -13.47 2.74 4.53
CA LYS A 61 -12.07 2.28 4.39
C LYS A 61 -11.27 2.45 5.70
N GLU A 62 -11.77 3.27 6.58
CA GLU A 62 -10.96 3.60 7.72
C GLU A 62 -11.65 3.11 8.92
N LEU A 63 -12.75 2.42 8.71
CA LEU A 63 -13.47 1.90 9.84
C LEU A 63 -13.33 0.38 9.89
N ASN A 64 -12.39 -0.13 10.69
CA ASN A 64 -12.14 -1.57 10.76
C ASN A 64 -12.51 -2.04 12.12
N HIS A 65 -13.57 -2.84 12.18
CA HIS A 65 -14.13 -3.24 13.45
C HIS A 65 -15.12 -4.36 13.25
N PRO A 66 -14.98 -5.38 14.08
CA PRO A 66 -15.88 -6.54 14.09
C PRO A 66 -17.33 -6.21 13.83
N ASN A 67 -17.75 -5.04 14.31
CA ASN A 67 -19.15 -4.65 14.23
C ASN A 67 -19.43 -3.49 13.32
N ILE A 68 -18.54 -3.27 12.37
CA ILE A 68 -18.79 -2.36 11.30
C ILE A 68 -18.67 -3.25 10.09
N VAL A 69 -19.57 -3.11 9.14
CA VAL A 69 -19.40 -3.94 7.98
C VAL A 69 -18.14 -3.67 7.20
N LYS A 70 -17.59 -4.75 6.68
CA LYS A 70 -16.27 -4.79 6.11
C LYS A 70 -16.45 -4.64 4.59
N LEU A 71 -15.84 -3.55 4.09
CA LEU A 71 -15.49 -3.33 2.69
C LEU A 71 -14.28 -4.21 2.35
N LEU A 72 -14.36 -4.87 1.20
CA LEU A 72 -13.32 -5.80 0.85
C LEU A 72 -12.48 -5.17 -0.20
N ASP A 73 -13.15 -4.78 -1.28
CA ASP A 73 -12.54 -4.23 -2.47
C ASP A 73 -13.53 -3.21 -2.96
N VAL A 74 -13.03 -2.17 -3.59
CA VAL A 74 -13.82 -1.33 -4.45
C VAL A 74 -13.24 -1.48 -5.86
N ILE A 75 -14.10 -1.84 -6.79
CA ILE A 75 -13.68 -2.11 -8.14
C ILE A 75 -14.06 -1.00 -9.06
N HIS A 76 -13.05 -0.26 -9.53
CA HIS A 76 -13.25 0.93 -10.33
C HIS A 76 -13.19 0.37 -11.73
N THR A 77 -14.29 0.42 -12.46
CA THR A 77 -14.28 0.01 -13.83
C THR A 77 -14.82 1.13 -14.69
N GLU A 78 -14.07 2.21 -14.81
CA GLU A 78 -14.32 3.20 -15.85
C GLU A 78 -15.75 3.69 -15.97
N ASN A 79 -16.70 2.77 -16.03
CA ASN A 79 -18.10 3.07 -16.34
C ASN A 79 -19.04 2.88 -15.11
N LYS A 80 -18.64 2.00 -14.19
CA LYS A 80 -19.40 1.78 -12.93
C LYS A 80 -18.48 1.59 -11.74
N LEU A 81 -19.02 1.62 -10.54
CA LEU A 81 -18.22 1.24 -9.39
C LEU A 81 -18.91 0.09 -8.77
N TYR A 82 -18.14 -0.88 -8.29
CA TYR A 82 -18.68 -1.92 -7.45
C TYR A 82 -17.99 -1.97 -6.10
N LEU A 83 -18.76 -1.75 -5.02
CA LEU A 83 -18.31 -2.00 -3.66
C LEU A 83 -18.49 -3.47 -3.23
N VAL A 84 -17.39 -4.13 -2.94
CA VAL A 84 -17.42 -5.51 -2.49
C VAL A 84 -17.46 -5.55 -0.96
N PHE A 85 -18.57 -6.08 -0.41
CA PHE A 85 -18.74 -6.26 1.03
C PHE A 85 -18.80 -7.74 1.35
N GLU A 86 -18.29 -8.15 2.52
CA GLU A 86 -18.63 -9.46 3.13
C GLU A 86 -20.12 -9.56 3.11
N PHE A 87 -20.67 -10.76 2.92
CA PHE A 87 -22.14 -10.89 2.93
C PHE A 87 -22.68 -11.12 4.34
N LEU A 88 -23.77 -10.46 4.73
CA LEU A 88 -24.44 -10.85 5.97
C LEU A 88 -25.91 -11.26 5.85
N HIS A 89 -26.20 -12.40 6.49
CA HIS A 89 -27.48 -13.12 6.42
C HIS A 89 -28.72 -12.24 6.16
N GLN A 90 -28.94 -11.30 7.08
CA GLN A 90 -30.12 -10.45 7.06
C GLN A 90 -29.99 -9.23 7.97
N ASP A 91 -30.78 -8.20 7.67
CA ASP A 91 -30.82 -7.00 8.49
C ASP A 91 -31.66 -7.22 9.76
N LEU A 92 -31.53 -6.36 10.77
CA LEU A 92 -32.23 -6.49 12.07
C LEU A 92 -33.77 -6.29 12.06
N LYS A 93 -34.33 -5.86 10.95
CA LYS A 93 -35.75 -5.59 10.86
C LYS A 93 -36.51 -6.85 10.36
N LYS A 94 -35.84 -7.72 9.63
CA LYS A 94 -36.38 -9.04 9.28
C LYS A 94 -36.35 -9.89 10.53
N PHE A 95 -35.19 -9.96 11.18
CA PHE A 95 -35.03 -10.83 12.36
C PHE A 95 -36.13 -10.54 13.33
N MET A 96 -36.47 -9.26 13.45
CA MET A 96 -37.47 -8.80 14.39
C MET A 96 -38.89 -9.12 13.93
N ASP A 97 -39.20 -8.83 12.67
CA ASP A 97 -40.45 -9.29 12.05
C ASP A 97 -40.64 -10.79 12.21
N ALA A 98 -39.55 -11.54 12.08
CA ALA A 98 -39.55 -13.01 12.21
C ALA A 98 -39.73 -13.52 13.66
N SER A 99 -39.58 -12.64 14.66
CA SER A 99 -39.83 -13.00 16.07
C SER A 99 -40.94 -12.14 16.77
N ALA A 100 -41.84 -11.60 15.95
CA ALA A 100 -42.97 -10.77 16.45
C ALA A 100 -43.81 -11.47 17.52
N LEU A 101 -43.85 -12.81 17.51
CA LEU A 101 -44.65 -13.60 18.45
C LEU A 101 -43.75 -14.39 19.40
N THR A 102 -42.64 -14.89 18.89
CA THR A 102 -41.60 -15.45 19.74
C THR A 102 -41.05 -14.46 20.75
N GLY A 103 -40.37 -13.44 20.23
CA GLY A 103 -39.69 -12.47 21.04
C GLY A 103 -38.20 -12.56 20.83
N ILE A 104 -37.48 -11.68 21.47
CA ILE A 104 -36.03 -11.68 21.42
C ILE A 104 -35.55 -11.99 22.82
N PRO A 105 -34.82 -13.09 22.96
CA PRO A 105 -34.13 -13.38 24.22
C PRO A 105 -33.34 -12.21 24.79
N LEU A 106 -33.68 -11.77 26.00
CA LEU A 106 -32.98 -10.64 26.67
C LEU A 106 -31.48 -10.58 26.42
N PRO A 107 -30.76 -11.68 26.64
CA PRO A 107 -29.32 -11.73 26.39
C PRO A 107 -28.93 -11.61 24.90
N LEU A 108 -29.86 -11.71 23.95
CA LEU A 108 -29.57 -11.39 22.55
C LEU A 108 -29.70 -9.90 22.36
N ILE A 109 -30.84 -9.33 22.72
CA ILE A 109 -30.89 -7.89 22.96
C ILE A 109 -29.63 -7.41 23.64
N LYS A 110 -29.43 -7.80 24.88
CA LYS A 110 -28.34 -7.27 25.64
C LYS A 110 -27.08 -7.29 24.85
N SER A 111 -26.97 -8.30 24.00
CA SER A 111 -25.73 -8.52 23.25
C SER A 111 -25.66 -7.73 21.97
N TYR A 112 -26.66 -7.88 21.12
CA TYR A 112 -26.78 -7.06 19.95
C TYR A 112 -26.46 -5.59 20.26
N LEU A 113 -27.01 -5.03 21.33
CA LEU A 113 -26.77 -3.63 21.67
C LEU A 113 -25.35 -3.32 22.14
N PHE A 114 -24.78 -4.17 23.00
CA PHE A 114 -23.34 -4.14 23.28
C PHE A 114 -22.59 -3.96 21.98
N GLN A 115 -22.83 -4.91 21.05
CA GLN A 115 -22.12 -4.94 19.80
C GLN A 115 -22.33 -3.58 19.08
N LEU A 116 -23.57 -3.31 18.74
CA LEU A 116 -23.92 -2.05 18.18
C LEU A 116 -23.14 -0.90 18.69
N LEU A 117 -23.16 -0.73 19.99
CA LEU A 117 -22.52 0.43 20.58
C LEU A 117 -21.03 0.31 20.47
N GLN A 118 -20.55 -0.89 20.38
CA GLN A 118 -19.12 -1.08 20.16
C GLN A 118 -18.74 -0.55 18.79
N GLY A 119 -19.56 -0.85 17.78
CA GLY A 119 -19.37 -0.37 16.42
C GLY A 119 -19.49 1.14 16.35
N LEU A 120 -20.51 1.64 17.00
CA LEU A 120 -20.68 3.06 16.96
C LEU A 120 -19.55 3.80 17.68
N ALA A 121 -19.12 3.32 18.83
CA ALA A 121 -18.05 3.98 19.56
C ALA A 121 -16.74 4.01 18.80
N PHE A 122 -16.52 2.98 17.99
CA PHE A 122 -15.40 3.03 17.04
C PHE A 122 -15.69 4.06 15.96
N CYS A 123 -16.85 4.00 15.32
CA CYS A 123 -17.27 5.09 14.46
C CYS A 123 -16.94 6.47 15.05
N HIS A 124 -17.64 6.88 16.09
CA HIS A 124 -17.39 8.17 16.73
C HIS A 124 -15.95 8.49 17.11
N SER A 125 -15.26 7.54 17.70
CA SER A 125 -13.89 7.85 18.12
C SER A 125 -13.01 8.07 16.90
N HIS A 126 -13.51 7.60 15.77
CA HIS A 126 -12.86 7.77 14.46
C HIS A 126 -13.61 8.84 13.68
N ARG A 127 -14.21 9.78 14.41
CA ARG A 127 -14.84 10.95 13.91
C ARG A 127 -15.74 10.73 12.64
N VAL A 128 -16.47 9.62 12.60
CA VAL A 128 -17.48 9.35 11.53
C VAL A 128 -18.87 9.32 12.16
N LEU A 129 -19.81 10.09 11.61
CA LEU A 129 -21.21 9.97 12.02
C LEU A 129 -21.92 9.11 11.03
N HIS A 130 -22.82 8.27 11.55
CA HIS A 130 -23.47 7.28 10.73
C HIS A 130 -24.69 7.90 10.15
N ARG A 131 -25.47 8.53 11.01
CA ARG A 131 -26.58 9.34 10.54
C ARG A 131 -27.70 8.56 9.81
N ASP A 132 -27.75 7.26 9.93
CA ASP A 132 -28.87 6.54 9.47
C ASP A 132 -28.93 5.17 10.03
N LEU A 133 -28.98 5.11 11.35
CA LEU A 133 -29.13 3.85 12.03
C LEU A 133 -30.57 3.57 12.20
N LYS A 134 -30.91 2.35 11.87
CA LYS A 134 -32.27 1.84 11.87
C LYS A 134 -32.10 0.36 11.61
N PRO A 135 -33.15 -0.44 11.76
CA PRO A 135 -33.03 -1.89 11.55
C PRO A 135 -32.61 -2.31 10.12
N GLN A 136 -33.13 -1.64 9.07
CA GLN A 136 -32.87 -2.08 7.70
C GLN A 136 -31.38 -1.98 7.44
N ASN A 137 -30.72 -1.27 8.34
CA ASN A 137 -29.36 -0.86 8.13
C ASN A 137 -28.39 -1.58 9.05
N LEU A 138 -28.87 -2.43 9.93
CA LEU A 138 -27.97 -3.22 10.79
C LEU A 138 -28.04 -4.65 10.35
N LEU A 139 -26.90 -5.24 9.98
CA LEU A 139 -26.87 -6.60 9.48
C LEU A 139 -26.30 -7.56 10.54
N ILE A 140 -26.89 -8.74 10.59
CA ILE A 140 -26.49 -9.79 11.52
C ILE A 140 -26.07 -11.06 10.79
N ASN A 141 -25.41 -11.95 11.50
CA ASN A 141 -25.08 -13.27 10.95
C ASN A 141 -25.46 -14.44 11.86
N THR A 142 -25.71 -15.57 11.19
CA THR A 142 -25.83 -16.89 11.81
C THR A 142 -25.19 -16.97 13.20
N GLU A 143 -24.01 -16.39 13.38
CA GLU A 143 -23.11 -16.68 14.52
C GLU A 143 -23.28 -15.64 15.61
N GLY A 144 -24.18 -14.69 15.39
CA GLY A 144 -24.56 -13.76 16.44
C GLY A 144 -23.70 -12.53 16.57
N ALA A 145 -23.14 -12.13 15.45
CA ALA A 145 -22.48 -10.84 15.41
C ALA A 145 -23.51 -9.93 14.75
N ILE A 146 -23.24 -8.65 14.81
CA ILE A 146 -24.14 -7.66 14.32
C ILE A 146 -23.20 -6.52 13.95
N LYS A 147 -23.44 -5.89 12.81
CA LYS A 147 -22.61 -4.80 12.40
C LYS A 147 -23.36 -3.62 11.83
N LEU A 148 -23.14 -2.43 12.40
CA LEU A 148 -23.50 -1.17 11.73
C LEU A 148 -23.31 -1.42 10.25
N ALA A 149 -24.15 -0.86 9.40
CA ALA A 149 -23.95 -0.93 7.98
C ALA A 149 -24.59 0.26 7.29
N ASP A 150 -24.87 0.14 5.99
CA ASP A 150 -25.16 1.28 5.10
C ASP A 150 -24.71 2.67 5.51
N PHE A 151 -23.47 2.99 5.12
CA PHE A 151 -22.80 4.25 5.51
C PHE A 151 -23.05 5.36 4.44
N GLY A 152 -23.98 5.07 3.54
CA GLY A 152 -24.51 6.05 2.60
C GLY A 152 -24.44 7.48 3.04
N LEU A 153 -24.96 7.77 4.25
CA LEU A 153 -25.17 9.12 4.80
C LEU A 153 -24.14 9.52 5.87
N ALA A 154 -23.14 8.68 6.09
CA ALA A 154 -22.05 8.98 7.01
C ALA A 154 -21.23 10.22 6.60
N ARG A 155 -20.65 10.86 7.59
CA ARG A 155 -19.77 11.94 7.27
C ARG A 155 -18.75 12.13 8.38
N ALA A 156 -17.63 12.72 8.03
CA ALA A 156 -16.59 12.96 8.95
C ALA A 156 -16.88 14.26 9.60
N PHE A 157 -17.05 14.22 10.93
CA PHE A 157 -17.23 15.43 11.71
C PHE A 157 -15.95 16.04 12.24
N GLY A 158 -16.08 17.22 12.82
CA GLY A 158 -14.94 17.89 13.38
C GLY A 158 -15.23 18.14 14.83
N VAL A 159 -14.28 18.74 15.55
CA VAL A 159 -14.44 19.14 16.95
C VAL A 159 -13.93 20.59 17.11
N PRO A 160 -14.81 21.55 17.43
CA PRO A 160 -16.21 21.27 17.70
C PRO A 160 -16.90 21.03 16.36
N VAL A 161 -18.21 20.92 16.40
CA VAL A 161 -18.87 20.47 15.21
C VAL A 161 -19.21 21.72 14.45
N ARG A 162 -19.46 21.50 13.16
CA ARG A 162 -19.89 22.53 12.24
C ARG A 162 -21.36 22.29 12.05
N THR A 163 -22.01 23.20 11.34
CA THR A 163 -23.35 22.96 10.86
C THR A 163 -23.23 21.95 9.77
N TYR A 164 -23.99 20.87 9.81
CA TYR A 164 -24.06 19.92 8.71
C TYR A 164 -25.43 19.90 7.99
N TPO A 165 -25.73 18.82 7.24
CA TPO A 165 -26.86 18.52 6.39
CB TPO A 165 -26.61 17.35 5.45
CG2 TPO A 165 -27.80 16.71 4.80
OG1 TPO A 165 -25.75 17.62 4.38
P TPO A 165 -24.42 16.72 4.48
O1P TPO A 165 -24.80 15.17 4.22
O2P TPO A 165 -23.21 17.06 3.51
O3P TPO A 165 -23.92 17.11 5.99
C TPO A 165 -28.08 18.32 7.29
O TPO A 165 -28.23 17.47 8.17
N HIS A 166 -29.22 19.36 6.94
CA HIS A 166 -30.07 19.10 8.11
C HIS A 166 -31.04 17.93 7.84
N GLU A 167 -31.15 17.56 6.56
CA GLU A 167 -32.19 16.61 6.09
C GLU A 167 -31.92 15.18 6.58
N VAL A 168 -32.00 14.90 7.88
CA VAL A 168 -31.20 13.75 8.34
C VAL A 168 -31.79 12.80 9.40
N VAL A 169 -31.43 11.52 9.22
CA VAL A 169 -31.97 10.37 9.93
C VAL A 169 -33.42 10.12 9.49
N THR A 170 -33.76 8.84 9.28
CA THR A 170 -35.12 8.40 8.97
C THR A 170 -36.08 8.93 10.02
N LEU A 171 -37.25 9.42 9.61
CA LEU A 171 -38.12 10.09 10.57
C LEU A 171 -38.15 9.39 11.94
N TRP A 172 -38.46 8.10 11.93
CA TRP A 172 -38.70 7.33 13.17
C TRP A 172 -37.56 7.38 14.19
N TYR A 173 -36.32 7.42 13.73
CA TYR A 173 -35.12 7.41 14.59
C TYR A 173 -34.38 8.80 14.78
N ARG A 174 -34.97 9.85 14.22
CA ARG A 174 -34.53 11.22 14.28
C ARG A 174 -34.72 11.83 15.66
N ALA A 175 -33.58 12.20 16.25
CA ALA A 175 -33.48 12.71 17.59
C ALA A 175 -34.07 14.07 17.52
N PRO A 176 -34.42 14.68 18.67
CA PRO A 176 -35.25 15.88 18.68
C PRO A 176 -34.43 17.12 18.28
N GLU A 177 -33.22 17.28 18.84
CA GLU A 177 -32.36 18.38 18.42
C GLU A 177 -32.32 18.57 16.93
N ILE A 178 -32.59 17.52 16.18
CA ILE A 178 -32.67 17.61 14.71
C ILE A 178 -34.06 18.00 14.41
N LEU A 179 -35.03 17.27 14.93
CA LEU A 179 -36.43 17.63 14.76
C LEU A 179 -36.71 19.13 15.02
N LEU A 180 -36.49 19.58 16.25
CA LEU A 180 -36.60 20.99 16.64
C LEU A 180 -35.63 21.91 15.97
N GLY A 181 -35.17 21.52 14.80
CA GLY A 181 -34.56 22.42 13.83
C GLY A 181 -33.15 22.93 14.10
N CYS A 182 -32.29 22.11 14.70
CA CYS A 182 -31.04 22.65 15.20
C CYS A 182 -30.03 23.03 14.13
N LYS A 183 -29.11 23.93 14.46
CA LYS A 183 -28.07 24.31 13.51
C LYS A 183 -26.87 23.39 13.69
N TYR A 184 -26.56 23.02 14.92
CA TYR A 184 -25.46 22.08 15.20
C TYR A 184 -26.03 20.71 15.60
N TYR A 185 -25.43 19.58 15.19
CA TYR A 185 -25.60 18.33 15.94
C TYR A 185 -24.42 17.40 15.94
N SER A 186 -24.49 16.33 16.72
CA SER A 186 -23.39 15.35 16.70
C SER A 186 -23.71 13.90 16.96
N THR A 187 -22.82 13.28 17.75
CA THR A 187 -22.82 11.86 18.05
C THR A 187 -24.10 11.48 18.70
N ALA A 188 -24.58 12.36 19.56
CA ALA A 188 -25.82 12.12 20.26
C ALA A 188 -26.88 11.58 19.33
N VAL A 189 -26.94 12.08 18.12
CA VAL A 189 -27.98 11.65 17.17
C VAL A 189 -27.83 10.19 16.81
N ASP A 190 -26.61 9.67 16.99
CA ASP A 190 -26.37 8.28 16.67
C ASP A 190 -26.94 7.46 17.82
N ILE A 191 -26.98 8.08 18.99
CA ILE A 191 -27.36 7.42 20.22
C ILE A 191 -28.83 7.57 20.49
N TRP A 192 -29.51 8.47 19.79
CA TRP A 192 -30.97 8.52 19.90
C TRP A 192 -31.44 7.29 19.26
N SER A 193 -30.76 6.99 18.17
CA SER A 193 -31.15 5.95 17.29
C SER A 193 -30.99 4.55 17.87
N LEU A 194 -29.80 4.21 18.33
CA LEU A 194 -29.65 3.01 19.12
C LEU A 194 -30.71 2.96 20.19
N GLY A 195 -30.94 4.12 20.80
CA GLY A 195 -31.87 4.26 21.88
C GLY A 195 -33.19 3.63 21.62
N CYS A 196 -33.88 4.25 20.68
CA CYS A 196 -34.95 3.64 19.91
C CYS A 196 -34.76 2.19 19.52
N ILE A 197 -33.69 1.92 18.78
CA ILE A 197 -33.49 0.58 18.28
C ILE A 197 -33.54 -0.31 19.48
N PHE A 198 -32.90 0.09 20.56
CA PHE A 198 -32.93 -0.70 21.77
C PHE A 198 -34.36 -1.13 22.04
N ALA A 199 -35.17 -0.22 22.52
CA ALA A 199 -36.60 -0.45 22.71
C ALA A 199 -37.23 -1.27 21.61
N GLU A 200 -36.92 -0.95 20.38
CA GLU A 200 -37.53 -1.72 19.33
C GLU A 200 -37.17 -3.19 19.48
N MET A 201 -35.98 -3.47 20.01
CA MET A 201 -35.58 -4.86 20.25
C MET A 201 -36.38 -5.50 21.38
N VAL A 202 -36.68 -4.73 22.39
CA VAL A 202 -37.45 -5.16 23.53
C VAL A 202 -38.95 -5.47 23.28
N THR A 203 -39.62 -4.59 22.56
CA THR A 203 -41.06 -4.71 22.31
C THR A 203 -41.42 -5.32 20.94
N ARG A 204 -40.40 -5.44 20.08
CA ARG A 204 -40.56 -5.97 18.72
C ARG A 204 -41.48 -5.09 17.85
N ARG A 205 -41.62 -3.81 18.23
CA ARG A 205 -42.38 -2.78 17.49
C ARG A 205 -41.80 -1.37 17.79
N ALA A 206 -41.68 -0.58 16.74
CA ALA A 206 -41.15 0.79 16.74
C ALA A 206 -41.45 1.60 17.97
N LEU A 207 -40.45 2.28 18.54
CA LEU A 207 -40.71 3.13 19.71
C LEU A 207 -41.57 4.31 19.36
N PHE A 208 -41.02 5.26 18.63
CA PHE A 208 -41.73 6.47 18.20
C PHE A 208 -42.01 6.50 16.66
N PRO A 209 -42.98 5.76 16.16
CA PRO A 209 -43.36 5.78 14.75
C PRO A 209 -44.16 6.96 14.24
N GLY A 210 -43.51 8.00 13.74
CA GLY A 210 -44.25 9.15 13.24
C GLY A 210 -44.38 9.17 11.74
N ASP A 211 -45.29 10.01 11.23
CA ASP A 211 -45.58 10.07 9.77
C ASP A 211 -45.43 11.51 9.26
N SER A 212 -45.10 12.44 10.17
CA SER A 212 -44.47 13.69 9.81
C SER A 212 -43.70 14.31 11.02
N GLU A 213 -42.91 15.35 10.76
CA GLU A 213 -42.08 16.06 11.75
C GLU A 213 -42.81 16.28 13.11
N ILE A 214 -44.09 16.70 13.02
CA ILE A 214 -44.88 17.07 14.21
C ILE A 214 -45.27 15.85 15.03
N ASP A 215 -46.00 14.94 14.38
CA ASP A 215 -46.29 13.68 15.00
C ASP A 215 -45.09 13.04 15.72
N GLN A 216 -43.94 13.00 15.06
CA GLN A 216 -42.78 12.32 15.60
C GLN A 216 -42.25 13.01 16.85
N LEU A 217 -42.48 14.30 16.94
CA LEU A 217 -42.16 15.08 18.11
C LEU A 217 -43.16 14.80 19.21
N PHE A 218 -44.42 14.70 18.81
CA PHE A 218 -45.50 14.56 19.74
C PHE A 218 -45.36 13.22 20.43
N ARG A 219 -45.12 12.20 19.63
CA ARG A 219 -45.02 10.87 20.18
C ARG A 219 -43.88 10.84 21.18
N ILE A 220 -42.83 11.55 20.84
CA ILE A 220 -41.68 11.59 21.70
C ILE A 220 -42.13 12.22 22.94
N PHE A 221 -42.81 13.35 22.78
CA PHE A 221 -43.27 14.15 23.91
C PHE A 221 -44.16 13.40 24.92
N ARG A 222 -45.08 12.61 24.37
CA ARG A 222 -46.08 11.86 25.14
C ARG A 222 -45.45 10.70 25.83
N THR A 223 -44.16 10.51 25.66
CA THR A 223 -43.43 9.41 26.29
C THR A 223 -42.39 9.92 27.30
N LEU A 224 -41.49 10.81 26.85
CA LEU A 224 -40.45 11.31 27.73
C LEU A 224 -40.84 12.64 28.34
N GLY A 225 -42.02 13.10 27.98
CA GLY A 225 -42.54 14.30 28.58
C GLY A 225 -42.19 15.49 27.75
N THR A 226 -43.15 16.34 27.45
CA THR A 226 -42.78 17.63 26.98
C THR A 226 -41.57 18.12 27.80
N PRO A 227 -40.57 18.58 27.08
CA PRO A 227 -39.36 19.12 27.69
C PRO A 227 -39.45 20.59 27.98
N ASP A 228 -38.62 21.03 28.90
CA ASP A 228 -38.58 22.43 29.22
C ASP A 228 -37.13 22.92 29.37
N GLU A 229 -36.96 24.11 29.93
CA GLU A 229 -35.66 24.74 30.11
C GLU A 229 -34.90 24.22 31.32
N VAL A 230 -35.50 23.24 32.01
CA VAL A 230 -34.81 22.62 33.14
C VAL A 230 -34.19 21.28 32.71
N VAL A 231 -34.87 20.51 31.86
CA VAL A 231 -34.34 19.21 31.46
C VAL A 231 -33.48 19.33 30.22
N TRP A 232 -33.45 20.51 29.64
CA TRP A 232 -32.73 20.71 28.40
C TRP A 232 -32.55 22.20 28.09
N PRO A 233 -31.74 22.87 28.87
CA PRO A 233 -31.49 24.29 28.64
C PRO A 233 -31.24 24.58 27.18
N GLY A 234 -31.98 25.53 26.60
CA GLY A 234 -31.88 25.89 25.20
C GLY A 234 -33.13 25.57 24.39
N VAL A 235 -33.93 24.58 24.80
CA VAL A 235 -35.10 24.08 24.00
C VAL A 235 -35.94 25.17 23.37
N THR A 236 -36.50 26.05 24.20
CA THR A 236 -37.45 27.09 23.79
C THR A 236 -36.83 28.21 22.95
N SER A 237 -35.60 27.97 22.49
CA SER A 237 -34.81 28.91 21.70
C SER A 237 -34.28 28.23 20.44
N MET A 238 -34.59 26.95 20.29
CA MET A 238 -34.19 26.23 19.13
C MET A 238 -35.14 26.66 18.07
N PRO A 239 -34.69 26.79 16.84
CA PRO A 239 -35.47 27.39 15.76
C PRO A 239 -36.93 26.91 15.57
N ASP A 240 -37.16 25.63 15.39
CA ASP A 240 -38.50 25.15 15.12
C ASP A 240 -39.33 24.81 16.38
N TYR A 241 -38.92 25.34 17.53
CA TYR A 241 -39.68 25.21 18.77
C TYR A 241 -40.93 26.11 18.81
N LYS A 242 -42.08 25.55 19.18
CA LYS A 242 -43.29 26.33 19.36
C LYS A 242 -43.69 26.35 20.81
N PRO A 243 -44.03 27.53 21.31
CA PRO A 243 -44.62 27.66 22.64
C PRO A 243 -45.93 26.88 22.74
N SER A 244 -46.62 26.74 21.62
CA SER A 244 -47.90 26.06 21.57
C SER A 244 -47.82 24.55 21.82
N PHE A 245 -46.68 23.94 21.54
CA PHE A 245 -46.54 22.52 21.78
C PHE A 245 -47.36 22.29 23.02
N PRO A 246 -47.91 21.10 23.21
CA PRO A 246 -48.53 20.71 24.48
C PRO A 246 -47.54 20.27 25.56
N LYS A 247 -47.88 20.50 26.82
CA LYS A 247 -47.09 19.99 27.95
C LYS A 247 -47.69 18.68 28.51
N TRP A 248 -47.54 17.59 27.76
CA TRP A 248 -47.71 16.25 28.28
C TRP A 248 -46.71 16.09 29.40
N ALA A 249 -46.76 14.95 30.08
CA ALA A 249 -45.84 14.68 31.14
C ALA A 249 -45.30 13.32 30.87
N ARG A 250 -44.33 12.93 31.68
CA ARG A 250 -43.60 11.69 31.47
C ARG A 250 -44.48 10.48 31.86
N GLN A 251 -44.53 9.44 31.02
CA GLN A 251 -44.97 8.10 31.44
C GLN A 251 -43.85 7.45 32.20
N ASP A 252 -44.16 6.58 33.16
CA ASP A 252 -43.14 5.72 33.74
C ASP A 252 -42.70 4.70 32.72
N PHE A 253 -41.40 4.47 32.69
CA PHE A 253 -40.81 3.62 31.69
C PHE A 253 -41.39 2.23 31.78
N SER A 254 -41.72 1.77 32.98
CA SER A 254 -42.44 0.50 33.14
C SER A 254 -43.73 0.38 32.29
N LYS A 255 -44.23 1.50 31.77
CA LYS A 255 -45.19 1.41 30.67
C LYS A 255 -44.43 1.26 29.37
N VAL A 256 -43.58 2.23 29.05
CA VAL A 256 -42.95 2.30 27.75
C VAL A 256 -42.37 0.93 27.39
N VAL A 257 -41.60 0.39 28.32
CA VAL A 257 -40.72 -0.72 28.03
C VAL A 257 -40.83 -1.78 29.16
N PRO A 258 -41.90 -2.57 29.11
CA PRO A 258 -42.29 -3.53 30.18
C PRO A 258 -41.38 -4.69 30.56
N PRO A 259 -40.82 -5.43 29.62
CA PRO A 259 -39.74 -6.41 29.90
C PRO A 259 -38.41 -5.87 30.44
N LEU A 260 -38.09 -4.59 30.26
CA LEU A 260 -36.77 -4.10 30.67
C LEU A 260 -36.71 -4.05 32.17
N ASP A 261 -35.74 -4.72 32.74
CA ASP A 261 -35.54 -4.66 34.19
C ASP A 261 -35.01 -3.28 34.55
N GLU A 262 -34.36 -3.18 35.70
CA GLU A 262 -33.95 -1.89 36.29
C GLU A 262 -32.83 -1.21 35.51
N ASP A 263 -31.95 -2.00 34.95
CA ASP A 263 -30.70 -1.45 34.48
C ASP A 263 -30.79 -1.06 33.02
N GLY A 264 -31.55 -1.82 32.23
CA GLY A 264 -31.92 -1.40 30.88
C GLY A 264 -32.67 -0.09 30.88
N ARG A 265 -33.77 -0.02 31.61
CA ARG A 265 -34.46 1.25 31.77
C ARG A 265 -33.44 2.37 31.90
N SER A 266 -32.52 2.22 32.84
CA SER A 266 -31.57 3.25 33.17
C SER A 266 -30.84 3.68 31.89
N LEU A 267 -30.09 2.78 31.26
CA LEU A 267 -29.46 3.07 30.01
C LEU A 267 -30.42 3.60 28.90
N LEU A 268 -31.47 2.86 28.57
CA LEU A 268 -32.50 3.38 27.69
C LEU A 268 -32.77 4.88 27.85
N SER A 269 -32.86 5.37 29.06
CA SER A 269 -33.18 6.77 29.28
C SER A 269 -31.97 7.67 29.19
N GLN A 270 -30.82 7.17 29.63
CA GLN A 270 -29.58 7.91 29.46
C GLN A 270 -29.28 7.99 27.95
N MET A 271 -29.71 6.97 27.20
CA MET A 271 -29.59 7.03 25.77
C MET A 271 -30.61 8.01 25.28
N LEU A 272 -31.86 7.83 25.68
CA LEU A 272 -32.95 8.73 25.29
C LEU A 272 -33.04 10.05 26.04
N HIS A 273 -31.93 10.72 26.20
CA HIS A 273 -31.91 12.00 26.87
C HIS A 273 -32.34 13.09 25.94
N TYR A 274 -32.87 14.17 26.45
CA TYR A 274 -33.30 15.22 25.55
C TYR A 274 -32.07 16.00 25.22
N ASP A 275 -31.52 16.65 26.23
CA ASP A 275 -30.31 17.41 26.10
C ASP A 275 -29.19 16.56 25.49
N PRO A 276 -28.77 16.87 24.24
CA PRO A 276 -27.65 16.18 23.61
C PRO A 276 -26.36 16.21 24.38
N ASN A 277 -25.99 17.35 25.00
CA ASN A 277 -24.74 17.48 25.80
C ASN A 277 -24.70 16.47 26.92
N LYS A 278 -25.89 16.11 27.42
CA LYS A 278 -26.12 15.18 28.55
C LYS A 278 -26.42 13.75 28.11
N ARG A 279 -27.05 13.56 26.96
CA ARG A 279 -27.39 12.24 26.47
C ARG A 279 -26.13 11.41 26.43
N ILE A 280 -26.24 10.20 26.98
CA ILE A 280 -25.09 9.32 27.16
C ILE A 280 -24.39 9.13 25.84
N SER A 281 -23.19 8.61 25.88
CA SER A 281 -22.45 8.31 24.67
C SER A 281 -22.15 6.85 24.58
N ALA A 282 -21.42 6.45 23.55
CA ALA A 282 -20.83 5.11 23.56
C ALA A 282 -19.73 5.03 24.62
N LYS A 283 -18.60 4.43 24.35
CA LYS A 283 -17.72 4.03 25.42
C LYS A 283 -18.25 4.26 26.86
N ALA A 284 -18.87 5.42 27.12
CA ALA A 284 -19.71 5.60 28.30
C ALA A 284 -20.77 4.52 28.55
N ALA A 285 -21.70 4.34 27.62
CA ALA A 285 -22.69 3.28 27.67
C ALA A 285 -22.08 1.92 27.97
N LEU A 286 -21.01 1.60 27.28
CA LEU A 286 -20.47 0.26 27.30
C LEU A 286 -20.22 -0.12 28.75
N ALA A 287 -19.63 0.81 29.50
CA ALA A 287 -19.29 0.62 30.89
C ALA A 287 -20.50 0.67 31.80
N HIS A 288 -21.70 0.81 31.28
CA HIS A 288 -22.91 0.88 32.14
C HIS A 288 -23.17 -0.48 32.79
N PRO A 289 -23.73 -0.49 34.02
CA PRO A 289 -24.13 -1.74 34.69
C PRO A 289 -25.09 -2.71 33.92
N PHE A 290 -25.91 -2.26 32.97
CA PHE A 290 -26.67 -3.19 32.13
C PHE A 290 -25.69 -4.27 31.69
N PHE A 291 -24.58 -3.79 31.18
CA PHE A 291 -23.71 -4.65 30.43
C PHE A 291 -22.65 -5.41 31.25
N GLN A 292 -22.74 -5.45 32.60
CA GLN A 292 -21.74 -6.19 33.41
C GLN A 292 -21.72 -7.68 33.07
N ASP A 293 -22.90 -8.24 32.75
CA ASP A 293 -23.02 -9.66 32.50
C ASP A 293 -23.05 -10.15 31.06
N VAL A 294 -22.56 -9.37 30.11
CA VAL A 294 -22.76 -9.69 28.70
C VAL A 294 -22.05 -10.96 28.16
N THR A 295 -22.63 -11.53 27.11
CA THR A 295 -22.17 -12.76 26.45
C THR A 295 -22.46 -12.73 24.93
N LYS A 296 -22.38 -13.86 24.26
CA LYS A 296 -22.65 -13.89 22.82
C LYS A 296 -23.50 -15.12 22.40
N PRO A 297 -24.77 -15.13 22.80
CA PRO A 297 -25.67 -16.23 22.46
C PRO A 297 -25.96 -16.23 21.00
N VAL A 298 -26.39 -17.35 20.47
CA VAL A 298 -26.54 -17.47 19.03
C VAL A 298 -28.01 -17.32 18.69
N PRO A 299 -28.32 -16.51 17.70
CA PRO A 299 -29.71 -16.23 17.32
C PRO A 299 -30.42 -17.45 16.76
N HIS A 300 -31.64 -17.70 17.21
CA HIS A 300 -32.49 -18.61 16.44
C HIS A 300 -32.99 -17.99 15.12
N LEU A 301 -32.32 -18.33 14.00
CA LEU A 301 -32.85 -18.05 12.67
C LEU A 301 -33.68 -19.18 12.15
N VAL B 2 -17.23 18.04 21.84
CA VAL B 2 -17.88 16.77 22.24
C VAL B 2 -16.88 15.95 23.00
N PRO B 3 -16.56 16.40 24.22
CA PRO B 3 -15.36 15.94 24.95
C PRO B 3 -15.31 14.42 25.12
N ASP B 4 -16.42 13.75 24.77
CA ASP B 4 -16.57 12.32 25.04
C ASP B 4 -15.44 11.62 24.26
N TYR B 5 -15.13 12.18 23.06
CA TYR B 5 -14.10 11.68 22.16
C TYR B 5 -13.12 12.76 21.67
N HIS B 6 -12.83 13.79 22.47
CA HIS B 6 -11.75 14.74 22.13
C HIS B 6 -10.52 13.90 21.84
N GLU B 7 -9.96 13.38 22.91
CA GLU B 7 -8.65 12.83 22.82
C GLU B 7 -8.71 11.71 21.78
N ASP B 8 -9.78 10.94 21.81
CA ASP B 8 -9.83 9.72 21.04
C ASP B 8 -9.73 10.09 19.61
N ILE B 9 -10.41 11.17 19.23
CA ILE B 9 -10.27 11.70 17.87
C ILE B 9 -8.91 12.28 17.58
N HIS B 10 -8.43 13.20 18.42
CA HIS B 10 -7.12 13.85 18.28
C HIS B 10 -6.03 12.79 18.01
N THR B 11 -6.08 11.72 18.80
CA THR B 11 -5.07 10.70 18.72
C THR B 11 -5.21 10.11 17.38
N TYR B 12 -6.40 9.60 17.05
CA TYR B 12 -6.59 9.00 15.74
C TYR B 12 -5.98 9.92 14.71
N LEU B 13 -6.46 11.15 14.60
CA LEU B 13 -5.93 12.15 13.68
C LEU B 13 -4.42 12.29 13.58
N ARG B 14 -3.75 12.39 14.72
CA ARG B 14 -2.29 12.47 14.77
C ARG B 14 -1.49 11.39 14.05
N GLU B 15 -2.22 10.40 13.62
CA GLU B 15 -1.70 9.13 13.24
C GLU B 15 -2.08 9.01 11.79
N MET B 16 -3.15 9.72 11.44
CA MET B 16 -3.65 9.76 10.08
C MET B 16 -2.84 10.72 9.21
N GLU B 17 -2.57 11.92 9.72
CA GLU B 17 -1.66 12.77 9.00
C GLU B 17 -0.50 11.93 8.51
N VAL B 18 0.37 11.50 9.43
CA VAL B 18 1.49 10.65 9.04
C VAL B 18 1.15 9.77 7.84
N LYS B 19 -0.06 9.25 7.77
CA LYS B 19 -0.41 8.33 6.70
C LYS B 19 -0.60 9.19 5.45
N CYS B 20 -1.49 10.16 5.53
CA CYS B 20 -1.78 11.06 4.45
C CYS B 20 -0.75 12.18 4.27
N LYS B 21 0.44 12.04 4.82
CA LYS B 21 1.50 13.00 4.54
C LYS B 21 2.10 12.75 3.16
N PRO B 22 2.25 13.80 2.37
CA PRO B 22 2.85 13.71 1.04
C PRO B 22 4.36 13.79 1.12
N LYS B 23 5.04 13.46 0.03
CA LYS B 23 6.48 13.32 0.04
C LYS B 23 7.13 14.69 -0.07
N VAL B 24 8.01 14.99 0.89
CA VAL B 24 8.69 16.28 1.01
C VAL B 24 9.13 16.91 -0.33
N GLY B 25 10.26 16.52 -0.84
CA GLY B 25 10.75 17.25 -1.99
C GLY B 25 10.14 16.71 -3.26
N TYR B 26 8.85 16.42 -3.20
CA TYR B 26 8.16 15.73 -4.27
C TYR B 26 8.27 16.46 -5.59
N MET B 27 8.30 17.78 -5.50
CA MET B 27 8.41 18.63 -6.67
C MET B 27 9.78 18.43 -7.32
N LYS B 28 10.77 18.08 -6.51
CA LYS B 28 12.10 17.92 -7.07
C LYS B 28 12.16 16.82 -8.16
N LYS B 29 11.33 15.78 -8.12
CA LYS B 29 11.35 14.77 -9.20
C LYS B 29 10.35 15.05 -10.33
N GLN B 30 9.35 15.89 -10.07
CA GLN B 30 8.41 16.28 -11.09
C GLN B 30 9.13 17.14 -12.09
N PRO B 31 9.32 16.63 -13.31
CA PRO B 31 10.20 17.22 -14.33
C PRO B 31 9.74 18.50 -14.99
N ASP B 32 8.45 18.81 -14.96
CA ASP B 32 7.87 19.95 -15.69
C ASP B 32 7.06 20.92 -14.87
N ILE B 33 7.04 20.80 -13.55
CA ILE B 33 6.35 21.74 -12.66
C ILE B 33 7.32 22.14 -11.55
N THR B 34 6.95 23.12 -10.76
CA THR B 34 7.85 23.75 -9.81
C THR B 34 7.05 24.14 -8.57
N ASN B 35 7.72 24.30 -7.43
CA ASN B 35 7.04 24.75 -6.24
C ASN B 35 6.42 26.09 -6.57
N SER B 36 6.96 26.74 -7.57
CA SER B 36 6.44 28.06 -7.88
C SER B 36 5.06 28.02 -8.47
N MET B 37 4.89 27.25 -9.54
CA MET B 37 3.63 26.94 -10.15
C MET B 37 2.59 26.24 -9.31
N ARG B 38 3.03 25.42 -8.37
CA ARG B 38 2.15 24.93 -7.36
C ARG B 38 1.36 26.05 -6.67
N ALA B 39 2.07 27.10 -6.29
CA ALA B 39 1.49 28.21 -5.55
C ALA B 39 0.51 28.95 -6.44
N ILE B 40 0.94 29.22 -7.64
CA ILE B 40 0.01 29.87 -8.51
C ILE B 40 -1.27 29.02 -8.50
N LEU B 41 -1.09 27.70 -8.41
CA LEU B 41 -2.20 26.77 -8.37
C LEU B 41 -3.04 26.89 -7.08
N VAL B 42 -2.39 26.77 -5.91
CA VAL B 42 -3.14 26.82 -4.67
C VAL B 42 -3.67 28.20 -4.55
N ASP B 43 -2.89 29.20 -4.91
CA ASP B 43 -3.35 30.56 -4.72
C ASP B 43 -4.69 30.81 -5.40
N TRP B 44 -4.81 30.24 -6.58
CA TRP B 44 -6.04 30.28 -7.32
C TRP B 44 -7.17 29.60 -6.58
N LEU B 45 -6.96 28.37 -6.11
CA LEU B 45 -8.00 27.64 -5.40
C LEU B 45 -8.53 28.46 -4.26
N VAL B 46 -7.65 29.04 -3.47
CA VAL B 46 -8.09 29.99 -2.47
C VAL B 46 -9.18 30.85 -3.11
N GLU B 47 -8.79 31.61 -4.13
CA GLU B 47 -9.72 32.44 -4.92
C GLU B 47 -10.96 31.68 -5.35
N VAL B 48 -10.84 30.48 -5.88
CA VAL B 48 -12.04 29.74 -6.21
C VAL B 48 -12.95 29.57 -4.98
N GLY B 49 -12.36 29.15 -3.86
CA GLY B 49 -13.07 29.05 -2.59
C GLY B 49 -13.90 30.21 -2.03
N GLU B 50 -13.53 31.44 -2.33
CA GLU B 50 -14.31 32.63 -1.91
C GLU B 50 -15.54 32.99 -2.80
N GLU B 51 -15.41 32.62 -4.08
CA GLU B 51 -16.34 32.91 -5.15
C GLU B 51 -17.53 32.02 -5.04
N TYR B 52 -17.27 30.81 -4.55
CA TYR B 52 -18.24 29.74 -4.66
C TYR B 52 -18.75 29.41 -3.27
N LYS B 53 -18.15 30.15 -2.32
CA LYS B 53 -18.58 30.20 -0.94
C LYS B 53 -18.44 28.84 -0.28
N LEU B 54 -17.31 28.20 -0.53
CA LEU B 54 -16.95 26.95 0.10
C LEU B 54 -16.30 27.14 1.48
N GLN B 55 -15.88 26.05 2.10
CA GLN B 55 -15.40 26.06 3.46
C GLN B 55 -13.90 26.04 3.39
N ASN B 56 -13.25 26.63 4.36
CA ASN B 56 -11.84 26.46 4.52
C ASN B 56 -11.41 25.02 4.45
N GLU B 57 -12.12 24.13 5.09
CA GLU B 57 -11.81 22.72 4.99
C GLU B 57 -11.49 22.27 3.53
N THR B 58 -12.38 22.60 2.61
CA THR B 58 -12.24 22.18 1.24
C THR B 58 -10.95 22.62 0.60
N LEU B 59 -10.49 23.83 0.88
CA LEU B 59 -9.15 24.23 0.50
C LEU B 59 -8.09 23.24 0.95
N HIS B 60 -8.02 23.03 2.26
CA HIS B 60 -6.99 22.25 2.89
C HIS B 60 -7.07 20.85 2.40
N LEU B 61 -8.29 20.34 2.29
CA LEU B 61 -8.47 19.01 1.70
C LEU B 61 -7.90 18.97 0.34
N ALA B 62 -8.22 19.97 -0.49
CA ALA B 62 -7.91 19.92 -1.94
C ALA B 62 -6.44 19.95 -2.21
N VAL B 63 -5.79 20.96 -1.59
CA VAL B 63 -4.33 21.12 -1.50
C VAL B 63 -3.69 19.79 -1.24
N ASN B 64 -4.12 19.13 -0.17
CA ASN B 64 -3.56 17.82 0.22
C ASN B 64 -3.79 16.71 -0.76
N TYR B 65 -4.93 16.67 -1.44
CA TYR B 65 -5.11 15.67 -2.49
C TYR B 65 -4.14 15.93 -3.61
N ILE B 66 -3.91 17.21 -3.90
CA ILE B 66 -2.94 17.62 -4.93
C ILE B 66 -1.53 17.20 -4.57
N ASP B 67 -1.07 17.63 -3.39
CA ASP B 67 0.20 17.22 -2.90
C ASP B 67 0.36 15.71 -2.99
N ARG B 68 -0.54 14.92 -2.37
CA ARG B 68 -0.47 13.47 -2.45
C ARG B 68 -0.41 12.96 -3.87
N PHE B 69 -1.27 13.49 -4.73
CA PHE B 69 -1.31 13.00 -6.10
C PHE B 69 -0.08 13.36 -6.88
N LEU B 70 0.32 14.62 -6.85
CA LEU B 70 1.59 15.00 -7.48
C LEU B 70 2.79 14.32 -6.81
N SER B 71 2.53 13.53 -5.79
CA SER B 71 3.62 12.72 -5.17
C SER B 71 3.80 11.38 -5.88
N SER B 72 3.11 11.19 -6.97
CA SER B 72 3.17 9.89 -7.59
C SER B 72 3.01 9.93 -9.06
N MET B 73 2.34 10.95 -9.57
CA MET B 73 2.12 11.06 -11.01
C MET B 73 2.81 12.29 -11.45
N SER B 74 3.73 12.10 -12.36
CA SER B 74 4.29 13.20 -13.09
C SER B 74 3.25 13.78 -14.03
N VAL B 75 2.91 15.05 -13.80
CA VAL B 75 1.98 15.82 -14.60
C VAL B 75 2.67 16.99 -15.30
N LEU B 76 2.19 17.28 -16.50
CA LEU B 76 2.77 18.35 -17.30
C LEU B 76 2.07 19.70 -17.06
N ARG B 77 2.67 20.82 -17.46
CA ARG B 77 2.08 22.17 -17.28
C ARG B 77 0.59 22.37 -17.63
N GLY B 78 0.25 22.09 -18.89
CA GLY B 78 -1.13 22.07 -19.38
C GLY B 78 -2.11 21.46 -18.42
N LYS B 79 -1.68 20.41 -17.71
CA LYS B 79 -2.55 19.59 -16.83
C LYS B 79 -2.56 19.92 -15.33
N LEU B 80 -1.65 20.73 -14.83
CA LEU B 80 -1.60 20.91 -13.39
C LEU B 80 -2.97 21.46 -13.00
N GLN B 81 -3.42 22.46 -13.77
CA GLN B 81 -4.74 23.03 -13.50
C GLN B 81 -5.87 21.99 -13.47
N LEU B 82 -5.77 20.95 -14.27
CA LEU B 82 -6.82 19.95 -14.30
C LEU B 82 -6.84 19.08 -13.05
N VAL B 83 -5.68 18.55 -12.71
CA VAL B 83 -5.47 17.95 -11.42
C VAL B 83 -6.06 18.79 -10.27
N GLY B 84 -5.90 20.09 -10.32
CA GLY B 84 -6.25 20.91 -9.16
C GLY B 84 -7.72 21.23 -9.10
N THR B 85 -8.31 21.29 -10.27
CA THR B 85 -9.74 21.48 -10.42
C THR B 85 -10.41 20.21 -9.98
N ALA B 86 -9.93 19.08 -10.51
CA ALA B 86 -10.48 17.81 -10.10
C ALA B 86 -10.41 17.55 -8.62
N ALA B 87 -9.34 17.91 -7.94
CA ALA B 87 -9.28 17.77 -6.46
C ALA B 87 -10.18 18.75 -5.71
N MET B 88 -10.20 20.00 -6.10
CA MET B 88 -11.17 20.89 -5.56
C MET B 88 -12.50 20.21 -5.58
N LEU B 89 -12.89 19.65 -6.73
CA LEU B 89 -14.19 18.99 -6.88
C LEU B 89 -14.32 17.92 -5.83
N LEU B 90 -13.36 17.03 -5.75
CA LEU B 90 -13.35 16.01 -4.72
C LEU B 90 -13.53 16.52 -3.27
N ALA B 91 -12.76 17.50 -2.87
CA ALA B 91 -12.91 18.04 -1.53
C ALA B 91 -14.25 18.61 -1.32
N SER B 92 -14.80 19.13 -2.40
CA SER B 92 -16.15 19.61 -2.42
C SER B 92 -17.08 18.45 -2.06
N LYS B 93 -17.29 17.54 -2.98
CA LYS B 93 -18.11 16.37 -2.75
C LYS B 93 -17.94 15.71 -1.40
N PHE B 94 -16.72 15.70 -0.87
CA PHE B 94 -16.48 15.17 0.45
C PHE B 94 -17.17 16.12 1.39
N GLU B 95 -16.66 17.35 1.52
CA GLU B 95 -16.99 18.22 2.67
C GLU B 95 -18.16 19.24 2.66
N GLU B 96 -18.61 19.75 1.51
CA GLU B 96 -19.70 20.76 1.49
C GLU B 96 -21.03 20.04 1.55
N ILE B 97 -21.99 20.64 2.23
CA ILE B 97 -23.38 20.21 2.12
C ILE B 97 -23.82 20.37 0.66
N TYR B 98 -23.50 21.53 0.03
CA TYR B 98 -23.83 21.84 -1.42
C TYR B 98 -22.67 21.99 -2.36
N PRO B 99 -22.00 20.91 -2.73
CA PRO B 99 -20.90 21.03 -3.66
C PRO B 99 -21.30 21.81 -4.93
N PRO B 100 -20.40 22.69 -5.32
CA PRO B 100 -20.44 23.28 -6.64
C PRO B 100 -20.61 22.16 -7.61
N GLU B 101 -21.20 22.42 -8.76
CA GLU B 101 -21.30 21.43 -9.79
C GLU B 101 -20.12 21.52 -10.72
N VAL B 102 -20.03 20.53 -11.59
CA VAL B 102 -18.87 20.32 -12.41
C VAL B 102 -18.76 21.37 -13.50
N ALA B 103 -19.88 21.82 -14.02
CA ALA B 103 -19.82 22.82 -15.06
C ALA B 103 -19.32 24.12 -14.43
N GLU B 104 -19.63 24.29 -13.16
CA GLU B 104 -19.21 25.50 -12.45
C GLU B 104 -17.72 25.41 -12.30
N PHE B 105 -17.21 24.19 -12.22
CA PHE B 105 -15.76 24.01 -12.08
C PHE B 105 -14.99 24.10 -13.39
N VAL B 106 -15.66 23.68 -14.47
CA VAL B 106 -15.20 23.99 -15.81
C VAL B 106 -15.13 25.50 -15.99
N TYR B 107 -16.22 26.21 -15.75
CA TYR B 107 -16.24 27.65 -15.82
C TYR B 107 -15.02 28.30 -15.11
N ILE B 108 -14.64 27.95 -13.89
CA ILE B 108 -13.56 28.73 -13.25
C ILE B 108 -12.17 28.48 -13.84
N THR B 109 -12.00 27.43 -14.63
CA THR B 109 -10.76 27.22 -15.38
C THR B 109 -10.85 27.97 -16.74
N ASP B 110 -11.97 28.66 -16.91
CA ASP B 110 -12.27 29.43 -18.09
C ASP B 110 -12.28 28.53 -19.33
N ASP B 111 -13.09 27.46 -19.25
CA ASP B 111 -13.27 26.45 -20.32
C ASP B 111 -12.03 25.76 -20.77
N THR B 112 -10.96 25.81 -20.00
CA THR B 112 -9.77 25.06 -20.40
C THR B 112 -10.10 23.58 -20.76
N TYR B 113 -10.53 22.83 -19.75
CA TYR B 113 -10.86 21.44 -19.90
C TYR B 113 -12.35 21.29 -20.02
N THR B 114 -12.71 20.11 -20.48
CA THR B 114 -14.08 19.80 -20.73
C THR B 114 -14.65 19.27 -19.46
N LYS B 115 -15.90 18.82 -19.56
CA LYS B 115 -16.58 18.19 -18.45
C LYS B 115 -15.90 16.85 -18.28
N LYS B 116 -16.01 16.00 -19.30
CA LYS B 116 -15.37 14.69 -19.32
C LYS B 116 -14.08 14.73 -18.57
N GLN B 117 -13.20 15.62 -19.00
CA GLN B 117 -11.85 15.67 -18.47
C GLN B 117 -11.77 15.82 -16.94
N VAL B 118 -12.31 16.90 -16.41
CA VAL B 118 -12.53 16.98 -14.98
C VAL B 118 -12.98 15.64 -14.41
N LEU B 119 -14.11 15.11 -14.81
CA LEU B 119 -14.65 13.84 -14.30
C LEU B 119 -13.75 12.68 -14.46
N ARG B 120 -13.04 12.61 -15.58
CA ARG B 120 -12.06 11.57 -15.80
C ARG B 120 -10.87 11.62 -14.87
N MET B 121 -10.34 12.81 -14.64
CA MET B 121 -9.34 13.00 -13.60
C MET B 121 -9.88 12.65 -12.20
N GLU B 122 -11.07 13.14 -11.88
CA GLU B 122 -11.72 12.83 -10.62
C GLU B 122 -11.36 11.45 -10.18
N HIS B 123 -11.62 10.53 -11.10
CA HIS B 123 -11.35 9.13 -10.94
C HIS B 123 -9.87 8.79 -10.69
N LEU B 124 -9.02 9.01 -11.67
CA LEU B 124 -7.61 8.89 -11.46
C LEU B 124 -7.18 9.33 -10.02
N VAL B 125 -7.44 10.59 -9.66
CA VAL B 125 -7.20 11.08 -8.33
C VAL B 125 -7.74 10.10 -7.32
N LEU B 126 -9.02 9.81 -7.38
CA LEU B 126 -9.59 8.68 -6.63
C LEU B 126 -8.81 7.38 -6.69
N LYS B 127 -8.45 6.89 -7.87
CA LYS B 127 -7.76 5.59 -7.96
C LYS B 127 -6.39 5.67 -7.31
N VAL B 128 -5.61 6.65 -7.74
CA VAL B 128 -4.28 6.94 -7.20
C VAL B 128 -4.31 7.19 -5.69
N LEU B 129 -5.31 7.91 -5.24
CA LEU B 129 -5.44 8.10 -3.80
C LEU B 129 -6.09 6.85 -3.15
N THR B 130 -6.35 5.80 -3.91
CA THR B 130 -7.02 4.63 -3.36
C THR B 130 -8.20 5.04 -2.42
N PHE B 131 -8.98 6.04 -2.86
CA PHE B 131 -10.15 6.49 -2.14
C PHE B 131 -9.96 6.94 -0.74
N ASP B 132 -8.73 7.24 -0.34
CA ASP B 132 -8.40 7.68 1.03
C ASP B 132 -8.46 9.17 1.22
N LEU B 133 -9.64 9.76 1.14
CA LEU B 133 -9.81 11.20 1.06
C LEU B 133 -10.11 11.87 2.43
N ALA B 134 -10.12 11.11 3.50
CA ALA B 134 -10.53 11.66 4.77
C ALA B 134 -9.39 12.22 5.64
N ALA B 135 -8.65 13.15 5.09
CA ALA B 135 -7.47 13.68 5.69
C ALA B 135 -7.63 14.69 6.82
N PRO B 136 -6.72 14.65 7.79
CA PRO B 136 -6.56 15.72 8.78
C PRO B 136 -5.95 16.90 8.11
N THR B 137 -6.25 18.07 8.61
CA THR B 137 -5.86 19.27 7.97
C THR B 137 -5.38 20.22 9.02
N VAL B 138 -4.57 21.17 8.61
CA VAL B 138 -4.22 22.28 9.48
C VAL B 138 -5.49 22.84 10.12
N ASN B 139 -6.55 22.89 9.34
CA ASN B 139 -7.84 23.32 9.84
C ASN B 139 -8.34 22.45 11.01
N GLN B 140 -8.39 21.13 10.81
CA GLN B 140 -8.95 20.22 11.81
C GLN B 140 -8.38 20.51 13.17
N PHE B 141 -7.06 20.60 13.23
CA PHE B 141 -6.36 20.69 14.50
C PHE B 141 -6.58 22.07 15.13
N LEU B 142 -6.29 23.12 14.39
CA LEU B 142 -6.58 24.45 14.89
C LEU B 142 -7.94 24.40 15.56
N THR B 143 -8.97 24.01 14.82
CA THR B 143 -10.38 23.90 15.29
C THR B 143 -10.45 23.32 16.70
N GLN B 144 -9.74 22.21 16.89
CA GLN B 144 -9.67 21.54 18.18
C GLN B 144 -8.90 22.32 19.21
N TYR B 145 -7.67 22.71 18.90
CA TYR B 145 -6.85 23.58 19.75
C TYR B 145 -7.56 24.86 20.23
N PHE B 146 -8.47 25.37 19.42
CA PHE B 146 -9.21 26.59 19.77
C PHE B 146 -9.89 26.41 21.12
N LEU B 147 -10.70 25.35 21.23
CA LEU B 147 -11.23 24.88 22.51
C LEU B 147 -10.42 25.10 23.77
N HIS B 148 -9.09 25.04 23.73
CA HIS B 148 -8.29 25.44 24.86
C HIS B 148 -7.96 26.92 24.81
N GLN B 149 -8.96 27.77 24.64
CA GLN B 149 -8.74 29.22 24.43
C GLN B 149 -9.22 30.03 25.66
N GLN B 150 -8.31 30.76 26.29
CA GLN B 150 -8.58 31.42 27.58
C GLN B 150 -8.52 32.98 27.63
N PRO B 151 -9.64 33.65 27.31
CA PRO B 151 -10.81 33.02 26.65
C PRO B 151 -10.87 33.22 25.12
N ALA B 152 -11.81 32.55 24.46
CA ALA B 152 -11.89 32.56 22.99
C ALA B 152 -11.81 33.99 22.45
N ASN B 153 -11.31 34.15 21.23
CA ASN B 153 -11.13 35.48 20.61
C ASN B 153 -11.01 35.38 19.10
N CYS B 154 -12.13 35.54 18.41
CA CYS B 154 -12.20 35.54 16.96
C CYS B 154 -10.97 36.08 16.24
N LYS B 155 -10.40 37.17 16.70
CA LYS B 155 -9.17 37.65 16.09
C LYS B 155 -8.10 36.55 16.06
N VAL B 156 -7.68 36.13 17.23
CA VAL B 156 -6.73 35.02 17.36
C VAL B 156 -7.16 33.82 16.53
N GLU B 157 -8.44 33.50 16.58
CA GLU B 157 -9.01 32.40 15.80
C GLU B 157 -8.75 32.72 14.32
N SER B 158 -9.29 33.84 13.84
CA SER B 158 -9.02 34.34 12.49
C SER B 158 -7.56 34.34 12.08
N LEU B 159 -6.66 34.93 12.89
CA LEU B 159 -5.25 35.05 12.48
C LEU B 159 -4.69 33.71 12.38
N ALA B 160 -5.06 32.88 13.33
CA ALA B 160 -4.64 31.49 13.38
C ALA B 160 -4.84 30.85 12.04
N MET B 161 -6.09 30.88 11.55
CA MET B 161 -6.48 30.45 10.21
C MET B 161 -5.63 31.03 9.12
N PHE B 162 -5.69 32.35 9.01
CA PHE B 162 -4.91 33.12 8.05
C PHE B 162 -3.56 32.52 7.88
N LEU B 163 -2.75 32.60 8.94
CA LEU B 163 -1.45 31.93 8.96
C LEU B 163 -1.54 30.52 8.45
N GLY B 164 -2.09 29.63 9.24
CA GLY B 164 -2.30 28.28 8.79
C GLY B 164 -2.49 28.14 7.31
N GLU B 165 -3.42 28.89 6.76
CA GLU B 165 -3.69 28.88 5.30
C GLU B 165 -2.52 29.35 4.46
N LEU B 166 -1.83 30.37 4.90
CA LEU B 166 -0.66 30.83 4.23
C LEU B 166 0.28 29.71 3.84
N SER B 167 0.36 28.69 4.67
CA SER B 167 1.29 27.59 4.41
C SER B 167 0.90 26.65 3.27
N LEU B 168 -0.35 26.69 2.86
CA LEU B 168 -0.80 25.86 1.73
C LEU B 168 -0.03 26.14 0.44
N ILE B 169 0.36 27.41 0.33
CA ILE B 169 0.93 28.01 -0.86
C ILE B 169 2.37 27.67 -1.02
N ASP B 170 3.08 27.61 0.10
CA ASP B 170 4.52 27.44 0.08
C ASP B 170 5.02 26.01 0.19
N ALA B 171 4.94 25.22 -0.88
CA ALA B 171 5.51 23.88 -0.86
C ALA B 171 6.83 23.67 -0.05
N ASP B 172 7.81 24.57 -0.19
CA ASP B 172 9.00 24.59 0.66
C ASP B 172 8.90 25.77 1.62
N PRO B 173 9.16 25.62 2.93
CA PRO B 173 9.35 24.34 3.63
C PRO B 173 8.08 23.51 3.91
N TYR B 174 6.96 24.15 4.20
CA TYR B 174 5.78 23.61 4.87
C TYR B 174 5.33 22.22 4.52
N LEU B 175 5.77 21.73 3.39
CA LEU B 175 5.64 20.33 3.07
C LEU B 175 6.42 19.46 4.01
N LYS B 176 7.37 20.09 4.74
CA LYS B 176 8.25 19.48 5.78
C LYS B 176 7.40 19.10 6.96
N TYR B 177 6.49 20.01 7.33
CA TYR B 177 5.73 19.94 8.56
C TYR B 177 4.41 19.20 8.39
N LEU B 178 4.01 18.50 9.45
CA LEU B 178 2.68 17.89 9.58
C LEU B 178 1.65 18.97 10.00
N PRO B 179 0.37 18.78 9.62
CA PRO B 179 -0.67 19.78 9.95
C PRO B 179 -0.80 20.12 11.41
N SER B 180 -0.65 19.15 12.29
CA SER B 180 -0.74 19.33 13.72
C SER B 180 0.33 20.27 14.23
N VAL B 181 1.46 20.31 13.52
CA VAL B 181 2.51 21.22 13.92
C VAL B 181 2.22 22.58 13.31
N ILE B 182 2.11 22.62 11.99
CA ILE B 182 1.70 23.81 11.35
C ILE B 182 0.57 24.44 12.12
N ALA B 183 -0.38 23.68 12.62
CA ALA B 183 -1.48 24.27 13.39
C ALA B 183 -0.97 24.72 14.73
N GLY B 184 -0.01 24.00 15.29
CA GLY B 184 0.64 24.45 16.50
C GLY B 184 1.38 25.74 16.25
N ALA B 185 2.23 25.72 15.24
CA ALA B 185 2.94 26.91 14.80
C ALA B 185 2.05 28.15 14.63
N ALA B 186 0.79 27.95 14.27
CA ALA B 186 -0.07 29.06 13.88
C ALA B 186 -0.75 29.63 15.10
N PHE B 187 -1.37 28.75 15.87
CA PHE B 187 -2.25 29.11 16.96
C PHE B 187 -1.45 29.97 17.94
N HIS B 188 -0.25 29.49 18.28
CA HIS B 188 0.66 30.26 19.10
C HIS B 188 0.98 31.57 18.45
N LEU B 189 1.79 31.55 17.41
CA LEU B 189 1.94 32.79 16.65
C LEU B 189 0.70 33.67 16.74
N ALA B 190 -0.46 33.16 16.42
CA ALA B 190 -1.64 34.01 16.36
C ALA B 190 -1.99 34.59 17.76
N LEU B 191 -1.88 33.77 18.81
CA LEU B 191 -2.01 34.22 20.21
C LEU B 191 -1.06 35.37 20.50
N TYR B 192 0.19 35.06 20.73
CA TYR B 192 1.20 36.05 21.14
C TYR B 192 0.96 37.40 20.47
N THR B 193 0.58 37.36 19.20
CA THR B 193 0.42 38.56 18.40
C THR B 193 -0.70 39.46 18.93
N VAL B 194 -1.89 38.88 19.07
CA VAL B 194 -3.04 39.66 19.46
C VAL B 194 -3.18 39.86 20.98
N THR B 195 -2.50 39.05 21.79
CA THR B 195 -2.72 39.02 23.24
C THR B 195 -1.40 38.79 23.97
N GLY B 196 -0.34 38.62 23.21
CA GLY B 196 0.98 38.42 23.78
C GLY B 196 1.07 37.26 24.76
N GLN B 197 0.03 36.41 24.75
CA GLN B 197 0.13 35.12 25.43
C GLN B 197 0.89 34.11 24.56
N SER B 198 0.64 32.82 24.76
CA SER B 198 1.48 31.80 24.16
C SER B 198 0.84 30.44 24.27
N TRP B 199 1.32 29.49 23.45
CA TRP B 199 1.01 28.05 23.54
C TRP B 199 0.62 27.66 24.93
N PRO B 200 -0.66 27.44 25.14
CA PRO B 200 -1.19 27.21 26.47
C PRO B 200 -0.78 25.85 26.91
N GLU B 201 -0.55 25.70 28.21
CA GLU B 201 0.06 24.50 28.70
C GLU B 201 -0.81 23.24 28.58
N SER B 202 -2.13 23.40 28.55
CA SER B 202 -2.99 22.23 28.36
C SER B 202 -2.89 21.63 26.92
N LEU B 203 -2.19 22.32 26.03
CA LEU B 203 -1.92 21.79 24.70
C LEU B 203 -0.50 21.20 24.59
N ILE B 204 0.38 21.65 25.44
CA ILE B 204 1.57 20.88 25.70
C ILE B 204 1.19 19.50 26.17
N ARG B 205 0.35 19.44 27.18
CA ARG B 205 -0.23 18.19 27.62
C ARG B 205 -1.02 17.38 26.58
N LYS B 206 -1.84 18.01 25.74
CA LYS B 206 -2.70 17.26 24.85
C LYS B 206 -1.99 16.85 23.63
N THR B 207 -1.12 17.68 23.13
CA THR B 207 -0.44 17.35 21.85
C THR B 207 1.02 16.92 22.07
N GLY B 208 1.56 17.27 23.24
CA GLY B 208 2.90 16.93 23.64
C GLY B 208 3.93 17.68 22.85
N TYR B 209 3.58 18.86 22.36
CA TYR B 209 4.48 19.67 21.56
C TYR B 209 4.75 20.88 22.43
N THR B 210 6.00 21.09 22.79
CA THR B 210 6.44 22.26 23.60
C THR B 210 6.75 23.40 22.67
N LEU B 211 7.01 24.59 23.22
CA LEU B 211 7.53 25.69 22.45
C LEU B 211 8.68 25.18 21.62
N GLU B 212 9.69 24.65 22.28
CA GLU B 212 10.85 24.20 21.53
C GLU B 212 10.36 23.37 20.32
N SER B 213 9.90 22.14 20.50
CA SER B 213 9.48 21.30 19.36
C SER B 213 8.80 22.11 18.21
N LEU B 214 8.03 23.12 18.54
CA LEU B 214 7.40 23.93 17.50
C LEU B 214 8.36 24.80 16.69
N LYS B 215 9.46 25.25 17.32
CA LYS B 215 10.37 26.31 16.84
C LYS B 215 10.63 26.32 15.33
N PRO B 216 11.15 25.22 14.87
CA PRO B 216 11.48 25.11 13.48
C PRO B 216 10.25 25.33 12.59
N CYS B 217 9.04 25.02 13.04
CA CYS B 217 7.88 25.40 12.25
C CYS B 217 7.63 26.84 12.49
N LEU B 218 7.74 27.18 13.77
CA LEU B 218 7.52 28.52 14.28
C LEU B 218 8.40 29.57 13.62
N MET B 219 9.65 29.24 13.33
CA MET B 219 10.48 30.22 12.69
C MET B 219 9.98 30.47 11.30
N ASP B 220 9.89 29.41 10.52
CA ASP B 220 9.40 29.54 9.17
C ASP B 220 8.08 30.25 9.16
N LEU B 221 7.18 29.87 10.04
CA LEU B 221 5.86 30.44 9.95
C LEU B 221 5.86 31.96 10.08
N HIS B 222 6.76 32.45 10.92
CA HIS B 222 7.00 33.87 11.20
C HIS B 222 7.52 34.66 10.00
N GLN B 223 8.64 34.24 9.43
CA GLN B 223 9.05 34.76 8.12
C GLN B 223 7.79 34.88 7.31
N THR B 224 7.30 33.75 6.84
CA THR B 224 6.14 33.69 5.94
C THR B 224 5.08 34.75 6.28
N TYR B 225 4.90 35.02 7.57
CA TYR B 225 4.00 36.08 8.06
C TYR B 225 4.53 37.48 7.79
N LEU B 226 5.82 37.66 7.99
CA LEU B 226 6.51 38.93 7.88
C LEU B 226 6.44 39.42 6.48
N LYS B 227 6.78 38.52 5.57
CA LYS B 227 6.86 38.76 4.15
C LYS B 227 5.53 38.53 3.42
N ALA B 228 4.40 38.46 4.13
CA ALA B 228 3.16 38.14 3.45
C ALA B 228 2.64 39.30 2.55
N PRO B 229 2.92 40.55 2.92
CA PRO B 229 2.51 41.67 2.07
C PRO B 229 3.36 41.74 0.82
N GLN B 230 4.48 41.02 0.81
CA GLN B 230 5.39 41.01 -0.32
C GLN B 230 5.51 39.68 -1.09
N HIS B 231 4.55 38.78 -0.97
CA HIS B 231 4.60 37.46 -1.64
C HIS B 231 3.90 37.49 -3.01
N ALA B 232 4.31 36.64 -3.91
CA ALA B 232 3.80 36.69 -5.25
C ALA B 232 2.28 36.43 -5.34
N GLN B 233 1.71 35.70 -4.36
CA GLN B 233 0.27 35.36 -4.35
C GLN B 233 -0.49 35.86 -3.13
N GLN B 234 -1.54 36.64 -3.39
CA GLN B 234 -2.14 37.49 -2.36
C GLN B 234 -3.55 37.11 -2.01
N SER B 235 -4.05 36.04 -2.61
CA SER B 235 -5.47 35.78 -2.60
C SER B 235 -5.95 35.49 -1.19
N ILE B 236 -5.06 34.88 -0.41
CA ILE B 236 -5.30 34.62 0.99
C ILE B 236 -5.33 35.95 1.67
N ARG B 237 -4.24 36.70 1.58
CA ARG B 237 -4.16 38.03 2.17
C ARG B 237 -5.38 38.94 1.97
N GLU B 238 -5.89 39.00 0.75
CA GLU B 238 -7.09 39.78 0.48
C GLU B 238 -8.26 39.20 1.24
N LYS B 239 -8.48 37.91 1.09
CA LYS B 239 -9.42 37.14 1.89
C LYS B 239 -9.52 37.54 3.37
N TYR B 240 -8.40 37.59 4.10
CA TYR B 240 -8.41 37.90 5.56
C TYR B 240 -8.32 39.42 5.82
N LYS B 241 -8.77 40.16 4.80
CA LYS B 241 -9.06 41.58 4.87
C LYS B 241 -10.52 41.90 5.19
N ASN B 242 -11.42 41.02 4.78
CA ASN B 242 -12.86 41.18 5.02
C ASN B 242 -13.28 41.07 6.48
N SER B 243 -14.50 41.49 6.78
CA SER B 243 -14.95 41.62 8.18
C SER B 243 -15.17 40.22 8.69
N LYS B 244 -15.71 39.38 7.81
CA LYS B 244 -15.76 37.93 7.99
C LYS B 244 -14.65 37.48 8.93
N TYR B 245 -13.42 37.79 8.55
CA TYR B 245 -12.27 37.36 9.30
C TYR B 245 -11.63 38.48 10.08
N HIS B 246 -12.43 39.46 10.54
CA HIS B 246 -12.03 40.47 11.52
C HIS B 246 -10.84 41.33 11.10
N GLY B 247 -10.65 41.43 9.78
CA GLY B 247 -9.53 42.15 9.20
C GLY B 247 -8.10 41.73 9.54
N VAL B 248 -7.90 40.45 9.87
CA VAL B 248 -6.65 40.07 10.51
C VAL B 248 -5.44 40.29 9.62
N SER B 249 -5.52 40.02 8.33
CA SER B 249 -4.31 40.20 7.49
C SER B 249 -3.63 41.58 7.59
N LEU B 250 -4.40 42.59 8.00
CA LEU B 250 -3.86 43.91 8.28
C LEU B 250 -3.17 44.06 9.64
N LEU B 251 -3.56 43.24 10.63
CA LEU B 251 -2.81 43.19 11.87
C LEU B 251 -1.36 43.19 11.42
N ASN B 252 -0.48 43.73 12.25
CA ASN B 252 0.94 43.74 11.94
C ASN B 252 1.67 42.76 12.85
N PRO B 253 2.38 41.81 12.27
CA PRO B 253 2.84 40.64 13.02
C PRO B 253 3.86 41.15 14.01
N PRO B 254 4.30 40.31 14.94
CA PRO B 254 5.34 40.69 15.87
C PRO B 254 6.58 40.92 15.05
N GLU B 255 7.64 41.49 15.61
CA GLU B 255 8.88 41.54 14.88
C GLU B 255 9.99 40.64 15.41
N THR B 256 9.71 39.90 16.48
CA THR B 256 10.67 38.95 17.04
C THR B 256 9.95 37.98 17.90
N LEU B 257 10.28 36.71 17.78
CA LEU B 257 9.42 35.71 18.35
C LEU B 257 9.76 35.31 19.78
N ASN B 258 10.93 35.71 20.28
CA ASN B 258 11.22 35.60 21.72
C ASN B 258 11.33 34.13 22.10
N LEU B 259 11.97 33.37 21.20
CA LEU B 259 12.00 31.93 21.21
C LEU B 259 13.45 31.56 21.06
N SER C 5 -8.77 2.35 -18.04
CA SER C 5 -7.39 1.94 -17.67
C SER C 5 -6.41 2.35 -18.77
N MET C 6 -6.55 1.68 -19.91
CA MET C 6 -5.90 2.10 -21.14
C MET C 6 -6.66 3.21 -21.70
N GLU C 7 -7.77 3.53 -21.03
CA GLU C 7 -8.68 4.66 -21.33
C GLU C 7 -7.90 5.96 -21.40
N ASN C 8 -6.91 6.08 -20.54
CA ASN C 8 -6.12 7.25 -20.43
C ASN C 8 -4.90 7.28 -21.31
N PHE C 9 -4.65 6.27 -22.12
CA PHE C 9 -3.42 6.29 -22.94
C PHE C 9 -3.74 6.34 -24.43
N GLN C 10 -3.03 7.20 -25.14
CA GLN C 10 -3.03 7.24 -26.60
C GLN C 10 -1.67 6.84 -27.09
N LYS C 11 -1.62 6.18 -28.24
CA LYS C 11 -0.38 5.68 -28.77
C LYS C 11 0.21 6.64 -29.79
N VAL C 12 1.49 6.90 -29.67
CA VAL C 12 2.17 7.64 -30.69
C VAL C 12 2.62 6.59 -31.64
N GLU C 13 3.65 5.82 -31.30
CA GLU C 13 4.29 4.90 -32.26
C GLU C 13 4.88 3.62 -31.63
N LYS C 14 5.22 2.62 -32.43
CA LYS C 14 6.06 1.51 -31.95
C LYS C 14 7.50 1.96 -31.65
N ILE C 15 8.08 1.58 -30.51
CA ILE C 15 9.47 1.95 -30.16
C ILE C 15 10.42 0.80 -30.29
N GLY C 16 9.85 -0.35 -30.01
CA GLY C 16 10.52 -1.62 -30.08
C GLY C 16 9.41 -2.62 -30.16
N GLU C 17 9.75 -3.85 -30.53
CA GLU C 17 8.83 -5.00 -30.56
C GLU C 17 9.69 -6.09 -29.96
N GLY C 18 9.15 -7.25 -29.65
CA GLY C 18 9.97 -8.43 -29.51
C GLY C 18 9.38 -9.61 -28.73
N THR C 19 9.72 -9.64 -27.44
CA THR C 19 9.39 -10.77 -26.57
C THR C 19 7.96 -11.39 -26.82
N TYR C 20 6.96 -10.89 -26.10
CA TYR C 20 5.57 -11.39 -26.24
C TYR C 20 4.69 -10.19 -26.51
N GLY C 21 5.36 -9.12 -26.92
CA GLY C 21 4.77 -7.79 -26.96
C GLY C 21 5.44 -6.78 -27.89
N VAL C 22 4.80 -5.61 -28.01
CA VAL C 22 5.39 -4.51 -28.74
C VAL C 22 5.77 -3.50 -27.66
N VAL C 23 6.35 -2.37 -28.06
CA VAL C 23 6.59 -1.25 -27.15
C VAL C 23 6.21 0.04 -27.85
N TYR C 24 5.59 0.94 -27.11
CA TYR C 24 4.81 2.00 -27.69
C TYR C 24 5.20 3.28 -27.07
N LYS C 25 5.52 4.32 -27.87
CA LYS C 25 5.56 5.67 -27.35
C LYS C 25 4.13 5.91 -26.95
N ALA C 26 3.93 6.26 -25.69
CA ALA C 26 2.60 6.47 -25.16
C ALA C 26 2.43 7.87 -24.57
N ARG C 27 1.25 8.45 -24.74
CA ARG C 27 0.95 9.71 -24.09
C ARG C 27 -0.14 9.41 -23.11
N ASN C 28 -0.10 10.03 -21.95
CA ASN C 28 -1.23 9.96 -21.05
C ASN C 28 -2.14 11.18 -21.23
N LYS C 29 -3.45 10.97 -21.29
CA LYS C 29 -4.41 12.02 -21.59
C LYS C 29 -4.82 12.83 -20.38
N LEU C 30 -4.56 12.32 -19.20
CA LEU C 30 -5.01 12.99 -17.99
C LEU C 30 -3.91 13.84 -17.35
N THR C 31 -2.67 13.52 -17.71
CA THR C 31 -1.46 13.98 -17.00
C THR C 31 -0.43 14.69 -17.90
N GLY C 32 -0.38 14.34 -19.18
CA GLY C 32 0.61 14.83 -20.11
C GLY C 32 1.68 13.78 -20.31
N GLU C 33 1.74 12.84 -19.38
CA GLU C 33 2.93 12.01 -19.26
C GLU C 33 3.10 11.21 -20.51
N VAL C 34 4.35 11.27 -21.00
CA VAL C 34 4.82 10.51 -22.15
C VAL C 34 5.57 9.27 -21.69
N VAL C 35 5.11 8.12 -22.15
CA VAL C 35 5.60 6.87 -21.59
C VAL C 35 5.89 5.84 -22.64
N ALA C 36 6.56 4.77 -22.19
CA ALA C 36 6.72 3.53 -22.93
C ALA C 36 5.78 2.44 -22.42
N LEU C 37 5.01 1.81 -23.31
CA LEU C 37 4.12 0.71 -22.91
C LEU C 37 4.59 -0.61 -23.46
N LYS C 38 4.55 -1.65 -22.66
CA LYS C 38 4.99 -2.95 -23.11
C LYS C 38 3.82 -3.88 -22.88
N LYS C 39 2.99 -4.00 -23.90
CA LYS C 39 1.85 -4.87 -23.87
C LYS C 39 2.39 -6.29 -23.82
N ILE C 40 1.93 -7.08 -22.88
CA ILE C 40 2.29 -8.48 -22.80
C ILE C 40 1.04 -9.34 -22.87
N ARG C 41 0.72 -9.79 -24.09
CA ARG C 41 -0.37 -10.73 -24.33
C ARG C 41 -0.27 -11.98 -23.41
N LEU C 42 -1.40 -12.41 -22.84
CA LEU C 42 -1.42 -13.66 -22.10
C LEU C 42 -2.12 -14.75 -22.90
N ASP C 43 -3.34 -15.07 -22.50
CA ASP C 43 -4.04 -16.27 -22.98
C ASP C 43 -4.10 -17.32 -21.87
N THR C 44 -5.32 -17.68 -21.46
CA THR C 44 -5.58 -18.70 -20.44
C THR C 44 -5.41 -20.21 -20.86
N GLU C 45 -5.24 -20.48 -22.16
CA GLU C 45 -4.91 -21.83 -22.65
C GLU C 45 -3.41 -22.02 -22.92
N THR C 46 -2.68 -20.91 -22.94
CA THR C 46 -1.21 -20.94 -22.91
C THR C 46 -0.65 -21.17 -21.46
N GLU C 47 0.21 -20.30 -20.97
CA GLU C 47 0.80 -20.50 -19.67
C GLU C 47 0.67 -19.31 -18.73
N GLY C 48 -0.44 -18.60 -18.77
CA GLY C 48 -0.63 -17.48 -17.88
C GLY C 48 0.30 -16.32 -18.16
N VAL C 49 0.51 -15.47 -17.16
CA VAL C 49 1.57 -14.50 -17.23
C VAL C 49 2.82 -15.32 -17.52
N PRO C 50 3.48 -15.07 -18.65
CA PRO C 50 4.74 -15.70 -18.96
C PRO C 50 5.77 -15.30 -17.92
N SER C 51 6.75 -16.16 -17.69
CA SER C 51 7.65 -16.03 -16.55
C SER C 51 8.70 -14.93 -16.59
N THR C 52 8.93 -14.37 -17.76
CA THR C 52 9.90 -13.31 -17.89
C THR C 52 9.29 -12.07 -17.32
N ALA C 53 8.02 -11.81 -17.64
CA ALA C 53 7.19 -10.79 -17.00
C ALA C 53 7.16 -10.99 -15.54
N ILE C 54 6.79 -12.18 -15.09
CA ILE C 54 6.69 -12.36 -13.67
C ILE C 54 7.99 -11.84 -13.05
N ARG C 55 9.07 -12.10 -13.75
CA ARG C 55 10.42 -11.88 -13.27
C ARG C 55 10.80 -10.43 -13.45
N GLU C 56 10.32 -9.83 -14.54
CA GLU C 56 10.49 -8.41 -14.85
C GLU C 56 9.80 -7.55 -13.81
N ILE C 57 8.48 -7.55 -13.82
CA ILE C 57 7.66 -6.69 -12.99
C ILE C 57 8.08 -6.79 -11.53
N SER C 58 8.26 -8.00 -11.04
CA SER C 58 8.61 -8.22 -9.67
C SER C 58 9.96 -7.62 -9.25
N LEU C 59 11.04 -7.97 -9.94
CA LEU C 59 12.37 -7.54 -9.57
C LEU C 59 12.52 -6.05 -9.70
N LEU C 60 11.97 -5.52 -10.78
CA LEU C 60 11.70 -4.09 -10.96
C LEU C 60 10.96 -3.32 -9.86
N LYS C 61 9.74 -3.73 -9.51
CA LYS C 61 9.05 -3.14 -8.34
C LYS C 61 10.03 -3.01 -7.16
N GLU C 62 11.12 -3.70 -7.29
CA GLU C 62 12.05 -3.78 -6.23
C GLU C 62 13.24 -2.83 -6.41
N LEU C 63 13.50 -2.35 -7.63
CA LEU C 63 14.69 -1.55 -7.88
C LEU C 63 14.31 -0.09 -8.05
N ASN C 64 14.55 0.70 -7.00
CA ASN C 64 14.31 2.14 -7.05
C ASN C 64 15.66 2.91 -7.05
N HIS C 65 16.01 3.46 -8.21
CA HIS C 65 17.30 4.07 -8.41
C HIS C 65 17.21 4.93 -9.64
N PRO C 66 17.81 6.13 -9.54
CA PRO C 66 18.04 7.03 -10.67
C PRO C 66 18.56 6.36 -11.94
N ASN C 67 19.35 5.31 -11.79
CA ASN C 67 19.99 4.68 -12.93
C ASN C 67 19.49 3.27 -13.24
N ILE C 68 18.17 3.11 -13.04
CA ILE C 68 17.42 1.93 -13.39
C ILE C 68 16.09 2.39 -13.94
N VAL C 69 15.73 2.01 -15.16
CA VAL C 69 14.44 2.42 -15.73
C VAL C 69 13.44 2.41 -14.60
N LYS C 70 12.44 3.27 -14.66
CA LYS C 70 11.32 3.24 -13.72
C LYS C 70 10.06 2.69 -14.38
N LEU C 71 9.51 1.68 -13.69
CA LEU C 71 8.18 1.16 -13.96
C LEU C 71 7.20 1.86 -13.05
N LEU C 72 6.21 2.50 -13.65
CA LEU C 72 5.26 3.32 -12.91
C LEU C 72 3.94 2.64 -12.60
N ASP C 73 3.53 1.66 -13.40
CA ASP C 73 2.27 1.00 -13.20
C ASP C 73 2.03 -0.23 -14.08
N VAL C 74 1.57 -1.33 -13.51
CA VAL C 74 1.11 -2.44 -14.28
C VAL C 74 -0.38 -2.31 -14.49
N ILE C 75 -0.87 -2.53 -15.70
CA ILE C 75 -2.28 -2.38 -15.97
C ILE C 75 -2.94 -3.72 -16.33
N HIS C 76 -3.67 -4.28 -15.38
CA HIS C 76 -4.05 -5.71 -15.36
C HIS C 76 -5.34 -5.93 -16.14
N THR C 77 -5.21 -6.41 -17.36
CA THR C 77 -6.35 -6.83 -18.16
C THR C 77 -6.49 -8.37 -18.12
N GLU C 78 -7.71 -8.82 -18.46
CA GLU C 78 -8.07 -10.23 -18.64
C GLU C 78 -7.54 -10.80 -19.95
N ASN C 79 -7.53 -10.03 -21.00
CA ASN C 79 -6.94 -10.50 -22.25
C ASN C 79 -5.53 -9.98 -22.51
N LYS C 80 -4.85 -9.38 -21.52
CA LYS C 80 -3.46 -8.86 -21.67
C LYS C 80 -3.01 -7.80 -20.65
N LEU C 81 -1.73 -7.48 -20.65
CA LEU C 81 -1.11 -6.84 -19.50
C LEU C 81 -0.07 -5.83 -19.97
N TYR C 82 -0.33 -4.56 -19.70
CA TYR C 82 0.59 -3.49 -20.10
C TYR C 82 1.49 -2.97 -18.93
N LEU C 83 2.78 -2.81 -19.19
CA LEU C 83 3.63 -2.15 -18.24
C LEU C 83 4.08 -0.75 -18.67
N VAL C 84 3.95 0.16 -17.73
CA VAL C 84 4.12 1.55 -18.03
C VAL C 84 5.46 1.99 -17.46
N PHE C 85 6.35 2.33 -18.38
CA PHE C 85 7.65 2.86 -18.07
C PHE C 85 7.68 4.34 -18.44
N GLU C 86 8.43 5.10 -17.63
CA GLU C 86 8.89 6.44 -17.99
C GLU C 86 9.48 6.32 -19.36
N PHE C 87 9.08 7.20 -20.30
CA PHE C 87 9.66 7.17 -21.65
C PHE C 87 11.01 7.76 -21.58
N LEU C 88 11.99 7.05 -22.15
CA LEU C 88 13.39 7.47 -22.19
C LEU C 88 13.75 7.68 -23.64
N HIS C 89 14.42 8.83 -23.90
CA HIS C 89 14.70 9.36 -25.25
C HIS C 89 15.24 8.34 -26.33
N GLN C 90 16.45 7.81 -26.15
CA GLN C 90 16.83 6.65 -26.94
C GLN C 90 17.78 5.70 -26.24
N ASP C 91 18.38 4.76 -26.96
CA ASP C 91 19.32 3.79 -26.37
C ASP C 91 20.80 4.08 -26.73
N LEU C 92 21.72 3.52 -25.95
CA LEU C 92 23.14 3.77 -26.11
C LEU C 92 23.75 3.22 -27.37
N LYS C 93 23.07 2.34 -28.08
CA LYS C 93 23.56 1.93 -29.39
C LYS C 93 23.21 2.93 -30.50
N LYS C 94 22.02 3.54 -30.45
CA LYS C 94 21.61 4.52 -31.47
C LYS C 94 22.40 5.79 -31.30
N PHE C 95 22.85 6.05 -30.07
CA PHE C 95 23.69 7.20 -29.75
C PHE C 95 25.01 6.94 -30.41
N MET C 96 25.58 5.78 -30.21
CA MET C 96 26.95 5.56 -30.63
C MET C 96 27.03 5.53 -32.13
N ASP C 97 26.10 4.81 -32.75
CA ASP C 97 26.00 4.77 -34.20
C ASP C 97 25.84 6.16 -34.83
N ALA C 98 25.07 7.04 -34.18
CA ALA C 98 24.91 8.44 -34.60
C ALA C 98 26.19 9.23 -34.40
N SER C 99 27.07 8.75 -33.51
CA SER C 99 28.33 9.43 -33.19
C SER C 99 29.59 8.64 -33.61
N ALA C 100 29.47 7.79 -34.64
CA ALA C 100 30.60 7.01 -35.16
C ALA C 100 31.64 7.90 -35.82
N LEU C 101 31.18 8.86 -36.61
CA LEU C 101 31.99 9.98 -37.09
C LEU C 101 32.73 10.76 -36.00
N THR C 102 31.98 11.32 -35.03
CA THR C 102 32.44 12.36 -34.09
C THR C 102 33.19 11.85 -32.85
N GLY C 103 32.76 10.72 -32.30
CA GLY C 103 33.30 10.22 -31.05
C GLY C 103 32.49 10.68 -29.86
N ILE C 104 32.70 10.08 -28.73
CA ILE C 104 31.98 10.48 -27.55
C ILE C 104 33.00 11.17 -26.71
N PRO C 105 32.78 12.45 -26.41
CA PRO C 105 33.74 13.18 -25.59
C PRO C 105 34.05 12.29 -24.41
N LEU C 106 35.31 12.23 -24.01
CA LEU C 106 35.72 11.37 -22.89
C LEU C 106 34.79 11.48 -21.73
N PRO C 107 34.73 12.65 -21.13
CA PRO C 107 34.14 12.83 -19.81
C PRO C 107 32.65 12.46 -19.74
N LEU C 108 31.99 12.34 -20.89
CA LEU C 108 30.66 11.76 -21.06
C LEU C 108 30.72 10.24 -20.87
N ILE C 109 31.47 9.58 -21.72
CA ILE C 109 31.84 8.20 -21.51
C ILE C 109 31.99 7.99 -20.06
N LYS C 110 32.98 8.65 -19.46
CA LYS C 110 33.25 8.52 -18.04
C LYS C 110 31.99 8.51 -17.25
N SER C 111 31.14 9.49 -17.44
CA SER C 111 29.94 9.51 -16.69
C SER C 111 29.01 8.38 -17.11
N TYR C 112 28.89 8.10 -18.40
CA TYR C 112 27.92 7.09 -18.74
C TYR C 112 28.30 5.85 -17.93
N LEU C 113 29.56 5.52 -17.90
CA LEU C 113 29.98 4.34 -17.16
C LEU C 113 29.68 4.41 -15.65
N PHE C 114 30.16 5.47 -14.97
CA PHE C 114 29.77 5.85 -13.59
C PHE C 114 28.28 5.69 -13.24
N GLN C 115 27.40 6.17 -14.11
CA GLN C 115 25.97 5.89 -14.02
C GLN C 115 25.69 4.38 -14.05
N LEU C 116 26.34 3.67 -14.94
CA LEU C 116 25.93 2.35 -15.28
C LEU C 116 26.33 1.38 -14.21
N LEU C 117 27.47 1.63 -13.55
CA LEU C 117 27.84 0.78 -12.43
C LEU C 117 27.08 1.22 -11.23
N GLN C 118 26.61 2.44 -11.26
CA GLN C 118 25.95 2.96 -10.09
C GLN C 118 24.65 2.19 -9.93
N GLY C 119 24.00 1.97 -11.06
CA GLY C 119 22.78 1.21 -11.10
C GLY C 119 23.06 -0.26 -11.11
N LEU C 120 24.05 -0.68 -11.88
CA LEU C 120 24.41 -2.07 -11.82
C LEU C 120 24.68 -2.40 -10.41
N ALA C 121 25.34 -1.51 -9.69
CA ALA C 121 25.62 -1.74 -8.27
C ALA C 121 24.37 -1.80 -7.40
N PHE C 122 23.36 -0.96 -7.64
CA PHE C 122 22.12 -1.05 -6.89
C PHE C 122 21.62 -2.47 -6.96
N CYS C 123 21.52 -2.95 -8.20
CA CYS C 123 20.97 -4.25 -8.54
C CYS C 123 21.67 -5.31 -7.70
N HIS C 124 22.95 -5.42 -7.90
CA HIS C 124 23.73 -6.44 -7.24
C HIS C 124 23.49 -6.41 -5.69
N SER C 125 23.57 -5.23 -5.08
CA SER C 125 23.05 -4.90 -3.74
C SER C 125 21.79 -5.63 -3.35
N HIS C 126 20.94 -5.83 -4.33
CA HIS C 126 19.56 -6.23 -4.11
C HIS C 126 19.41 -7.57 -4.80
N ARG C 127 20.48 -8.33 -4.79
CA ARG C 127 20.47 -9.67 -5.31
C ARG C 127 19.65 -9.84 -6.60
N VAL C 128 19.70 -8.84 -7.48
CA VAL C 128 19.31 -9.04 -8.87
C VAL C 128 20.50 -9.06 -9.79
N LEU C 129 20.36 -9.83 -10.86
CA LEU C 129 21.34 -9.96 -11.95
C LEU C 129 20.68 -9.52 -13.22
N HIS C 130 21.34 -8.68 -14.01
CA HIS C 130 20.66 -8.19 -15.19
C HIS C 130 20.67 -9.22 -16.31
N ARG C 131 21.85 -9.62 -16.73
CA ARG C 131 22.00 -10.69 -17.68
C ARG C 131 21.68 -10.36 -19.11
N ASP C 132 21.72 -9.11 -19.50
CA ASP C 132 21.55 -8.78 -20.91
C ASP C 132 22.00 -7.33 -21.18
N LEU C 133 23.14 -6.97 -20.60
CA LEU C 133 23.66 -5.63 -20.75
C LEU C 133 24.26 -5.49 -22.14
N LYS C 134 23.98 -4.39 -22.77
CA LYS C 134 24.41 -4.16 -24.12
C LYS C 134 23.80 -2.83 -24.37
N PRO C 135 24.33 -2.11 -25.34
CA PRO C 135 23.84 -0.80 -25.68
C PRO C 135 22.32 -0.76 -25.81
N GLN C 136 21.70 -1.68 -26.57
CA GLN C 136 20.25 -1.63 -26.84
C GLN C 136 19.39 -1.61 -25.60
N ASN C 137 19.95 -2.02 -24.48
CA ASN C 137 19.21 -2.08 -23.23
C ASN C 137 19.60 -0.99 -22.23
N LEU C 138 20.28 0.06 -22.69
CA LEU C 138 20.68 1.17 -21.81
C LEU C 138 20.16 2.43 -22.47
N LEU C 139 19.20 3.06 -21.79
CA LEU C 139 18.48 4.17 -22.35
C LEU C 139 19.07 5.48 -21.80
N ILE C 140 19.00 6.54 -22.60
CA ILE C 140 19.48 7.85 -22.21
C ILE C 140 18.43 8.94 -22.46
N ASN C 141 18.42 9.95 -21.57
CA ASN C 141 17.63 11.19 -21.74
C ASN C 141 18.55 12.27 -22.19
N THR C 142 17.95 13.38 -22.59
CA THR C 142 18.73 14.56 -23.01
C THR C 142 19.55 15.21 -21.89
N GLU C 143 18.97 15.47 -20.70
CA GLU C 143 19.69 16.19 -19.63
C GLU C 143 20.80 15.34 -18.97
N GLY C 144 21.11 14.19 -19.58
CA GLY C 144 22.35 13.49 -19.28
C GLY C 144 22.28 12.10 -18.69
N ALA C 145 21.11 11.62 -18.29
CA ALA C 145 21.04 10.32 -17.61
C ALA C 145 21.11 9.11 -18.56
N ILE C 146 21.76 8.06 -18.06
CA ILE C 146 21.75 6.73 -18.69
C ILE C 146 21.25 5.71 -17.69
N LYS C 147 20.42 4.78 -18.18
CA LYS C 147 19.67 3.88 -17.30
C LYS C 147 19.56 2.47 -17.80
N LEU C 148 19.96 1.55 -16.93
CA LEU C 148 19.76 0.13 -17.16
C LEU C 148 18.32 -0.04 -17.41
N ALA C 149 18.01 -0.59 -18.58
CA ALA C 149 16.62 -0.84 -19.02
C ALA C 149 16.45 -2.30 -19.31
N ASP C 150 15.29 -2.66 -19.82
CA ASP C 150 14.87 -4.05 -20.12
C ASP C 150 15.40 -5.18 -19.21
N PHE C 151 14.58 -5.59 -18.26
CA PHE C 151 14.93 -6.62 -17.26
C PHE C 151 14.26 -8.02 -17.52
N GLY C 152 13.91 -8.30 -18.77
CA GLY C 152 13.37 -9.59 -19.17
C GLY C 152 14.21 -10.82 -18.87
N LEU C 153 15.51 -10.74 -19.00
CA LEU C 153 16.32 -11.83 -18.55
C LEU C 153 16.95 -11.64 -17.17
N ALA C 154 16.61 -10.59 -16.44
CA ALA C 154 17.02 -10.50 -15.06
C ALA C 154 16.53 -11.69 -14.22
N ARG C 155 17.15 -11.85 -13.04
CA ARG C 155 16.68 -12.75 -12.06
C ARG C 155 17.36 -12.54 -10.70
N ALA C 156 16.67 -12.86 -9.62
CA ALA C 156 17.19 -12.80 -8.29
C ALA C 156 18.15 -13.93 -8.13
N PHE C 157 19.33 -13.59 -7.62
CA PHE C 157 20.35 -14.57 -7.31
C PHE C 157 20.43 -14.77 -5.83
N GLY C 158 21.05 -15.87 -5.41
CA GLY C 158 21.27 -16.14 -4.01
C GLY C 158 22.74 -16.03 -3.63
N VAL C 159 23.02 -16.36 -2.37
CA VAL C 159 24.35 -16.35 -1.76
C VAL C 159 24.47 -17.62 -0.88
N PRO C 160 25.26 -18.59 -1.35
CA PRO C 160 26.05 -18.43 -2.57
C PRO C 160 25.15 -18.63 -3.76
N VAL C 161 25.68 -18.57 -4.96
CA VAL C 161 24.80 -18.74 -6.09
C VAL C 161 24.49 -20.22 -6.15
N ARG C 162 23.81 -20.60 -7.22
CA ARG C 162 23.22 -21.92 -7.41
C ARG C 162 23.16 -22.03 -8.95
N THR C 163 23.20 -23.21 -9.55
CA THR C 163 23.18 -23.29 -11.02
C THR C 163 22.03 -22.46 -11.51
N TYR C 164 22.27 -21.39 -12.29
CA TYR C 164 21.21 -20.58 -12.83
C TYR C 164 21.13 -20.84 -14.32
N TPO C 165 19.89 -20.50 -15.37
CA TPO C 165 19.53 -20.92 -16.72
CB TPO C 165 18.80 -19.77 -17.45
CG2 TPO C 165 18.98 -19.77 -18.93
OG1 TPO C 165 17.43 -19.54 -17.20
P TPO C 165 17.02 -18.65 -15.91
O1P TPO C 165 17.10 -17.07 -15.96
O2P TPO C 165 15.50 -18.95 -15.51
O3P TPO C 165 18.16 -19.11 -14.87
C TPO C 165 20.89 -21.20 -17.32
O TPO C 165 21.78 -20.33 -17.18
N HIS C 166 21.42 -21.30 -18.67
CA HIS C 166 22.81 -21.14 -19.15
C HIS C 166 22.92 -20.14 -20.36
N GLU C 167 21.95 -20.19 -21.26
CA GLU C 167 22.06 -19.56 -22.61
C GLU C 167 22.06 -18.05 -22.44
N VAL C 168 22.98 -17.55 -21.65
CA VAL C 168 22.72 -16.28 -20.99
C VAL C 168 23.72 -15.21 -21.45
N VAL C 169 23.20 -13.99 -21.59
CA VAL C 169 23.87 -12.88 -22.25
C VAL C 169 24.09 -13.05 -23.78
N THR C 170 23.73 -12.00 -24.51
CA THR C 170 24.09 -11.88 -25.92
C THR C 170 25.60 -12.11 -26.10
N LEU C 171 25.94 -12.61 -27.28
CA LEU C 171 27.21 -13.24 -27.54
C LEU C 171 28.43 -12.33 -27.39
N TRP C 172 28.25 -11.03 -27.50
CA TRP C 172 29.37 -10.08 -27.70
C TRP C 172 29.76 -9.61 -26.31
N TYR C 173 28.77 -9.68 -25.42
CA TYR C 173 28.89 -9.25 -24.03
C TYR C 173 28.82 -10.43 -23.04
N ARG C 174 29.16 -11.63 -23.52
CA ARG C 174 29.00 -12.85 -22.74
C ARG C 174 30.32 -13.31 -22.15
N ALA C 175 30.48 -13.24 -20.82
CA ALA C 175 31.80 -13.50 -20.19
C ALA C 175 32.31 -14.84 -20.59
N PRO C 176 33.57 -15.12 -20.29
CA PRO C 176 34.19 -16.41 -20.60
C PRO C 176 33.62 -17.51 -19.72
N GLU C 177 33.49 -17.31 -18.42
CA GLU C 177 33.01 -18.38 -17.55
C GLU C 177 31.76 -18.96 -18.16
N ILE C 178 30.81 -18.12 -18.57
CA ILE C 178 29.68 -18.65 -19.36
C ILE C 178 30.18 -19.47 -20.52
N LEU C 179 30.60 -18.81 -21.58
CA LEU C 179 31.22 -19.47 -22.72
C LEU C 179 31.82 -20.83 -22.47
N LEU C 180 32.54 -20.99 -21.35
CA LEU C 180 33.20 -22.26 -20.99
C LEU C 180 32.26 -23.25 -20.30
N GLY C 181 31.02 -22.80 -20.08
CA GLY C 181 29.92 -23.59 -19.59
C GLY C 181 29.99 -23.73 -18.09
N CYS C 182 30.63 -22.83 -17.39
CA CYS C 182 30.90 -23.17 -16.05
C CYS C 182 29.61 -23.34 -15.27
N LYS C 183 29.63 -24.16 -14.23
CA LYS C 183 28.42 -24.50 -13.51
C LYS C 183 27.81 -23.29 -12.82
N TYR C 184 28.63 -22.58 -12.07
CA TYR C 184 28.17 -21.43 -11.34
C TYR C 184 28.59 -20.10 -12.02
N TYR C 185 27.72 -19.11 -11.96
CA TYR C 185 28.01 -17.78 -12.45
C TYR C 185 27.21 -16.80 -11.65
N SER C 186 27.61 -15.52 -11.70
CA SER C 186 27.10 -14.55 -10.75
C SER C 186 27.22 -13.08 -11.19
N THR C 187 27.19 -12.17 -10.23
CA THR C 187 27.44 -10.72 -10.45
C THR C 187 28.50 -10.36 -11.46
N ALA C 188 29.53 -11.18 -11.53
CA ALA C 188 30.64 -10.87 -12.37
C ALA C 188 30.27 -10.97 -13.81
N VAL C 189 29.20 -11.67 -14.18
CA VAL C 189 28.79 -11.62 -15.58
C VAL C 189 28.49 -10.20 -15.93
N ASP C 190 27.55 -9.60 -15.22
CA ASP C 190 27.06 -8.29 -15.55
C ASP C 190 28.22 -7.34 -15.87
N ILE C 191 29.24 -7.37 -15.00
CA ILE C 191 30.43 -6.55 -15.17
C ILE C 191 31.15 -6.78 -16.48
N TRP C 192 31.53 -8.01 -16.74
CA TRP C 192 32.18 -8.31 -18.00
C TRP C 192 31.51 -7.54 -19.14
N SER C 193 30.18 -7.55 -19.17
CA SER C 193 29.41 -6.83 -20.16
C SER C 193 29.72 -5.32 -20.09
N LEU C 194 29.36 -4.61 -19.04
CA LEU C 194 29.87 -3.26 -18.86
C LEU C 194 31.23 -2.90 -19.48
N GLY C 195 32.28 -3.67 -19.18
CA GLY C 195 33.55 -3.64 -19.89
C GLY C 195 33.38 -3.54 -21.40
N CYS C 196 32.80 -4.56 -21.99
CA CYS C 196 32.66 -4.53 -23.43
C CYS C 196 31.82 -3.32 -23.88
N ILE C 197 31.08 -2.77 -22.96
CA ILE C 197 30.26 -1.64 -23.21
C ILE C 197 31.14 -0.44 -23.02
N PHE C 198 31.99 -0.46 -21.98
CA PHE C 198 32.96 0.60 -21.72
C PHE C 198 33.82 0.79 -22.98
N ALA C 199 34.53 -0.23 -23.36
CA ALA C 199 35.33 -0.15 -24.58
C ALA C 199 34.50 0.29 -25.78
N GLU C 200 33.37 -0.35 -25.99
CA GLU C 200 32.56 -0.03 -27.14
C GLU C 200 32.26 1.48 -27.18
N MET C 201 32.16 2.11 -26.04
CA MET C 201 31.99 3.55 -26.03
C MET C 201 33.26 4.31 -26.53
N VAL C 202 34.45 3.87 -26.12
CA VAL C 202 35.71 4.39 -26.62
C VAL C 202 35.92 4.16 -28.14
N THR C 203 35.98 2.91 -28.57
CA THR C 203 36.22 2.62 -29.98
C THR C 203 35.08 2.91 -31.00
N ARG C 204 33.84 3.01 -30.52
CA ARG C 204 32.60 3.01 -31.32
C ARG C 204 32.32 1.76 -32.22
N ARG C 205 33.13 0.71 -32.11
CA ARG C 205 32.76 -0.63 -32.58
C ARG C 205 32.79 -1.67 -31.43
N ALA C 206 32.19 -2.82 -31.65
CA ALA C 206 32.16 -3.86 -30.63
C ALA C 206 33.57 -4.42 -30.27
N LEU C 207 33.89 -4.48 -28.98
CA LEU C 207 35.19 -5.03 -28.49
C LEU C 207 35.51 -6.49 -28.84
N PHE C 208 34.50 -7.36 -28.68
CA PHE C 208 34.61 -8.77 -29.00
C PHE C 208 33.40 -9.22 -29.86
N PRO C 209 33.38 -8.87 -31.13
CA PRO C 209 32.26 -9.25 -32.02
C PRO C 209 32.35 -10.60 -32.69
N GLY C 210 31.67 -11.62 -32.19
CA GLY C 210 31.72 -12.96 -32.78
C GLY C 210 30.47 -13.30 -33.56
N ASP C 211 30.49 -14.44 -34.25
CA ASP C 211 29.26 -15.01 -34.84
C ASP C 211 29.08 -16.47 -34.39
N SER C 212 29.81 -16.86 -33.33
CA SER C 212 29.59 -18.13 -32.61
C SER C 212 30.28 -18.12 -31.24
N GLU C 213 29.99 -19.13 -30.41
CA GLU C 213 30.63 -19.39 -29.11
C GLU C 213 32.18 -19.63 -29.17
N ILE C 214 32.65 -20.10 -30.30
CA ILE C 214 34.08 -20.26 -30.44
C ILE C 214 34.76 -19.00 -31.00
N ASP C 215 34.22 -18.49 -32.10
CA ASP C 215 34.80 -17.30 -32.66
C ASP C 215 34.85 -16.31 -31.54
N GLN C 216 33.83 -16.32 -30.66
CA GLN C 216 33.78 -15.39 -29.53
C GLN C 216 34.88 -15.69 -28.54
N LEU C 217 34.98 -16.93 -28.11
CA LEU C 217 36.06 -17.28 -27.22
C LEU C 217 37.37 -16.85 -27.83
N PHE C 218 37.50 -16.92 -29.15
CA PHE C 218 38.83 -16.72 -29.75
C PHE C 218 39.18 -15.26 -29.81
N ARG C 219 38.24 -14.46 -30.28
CA ARG C 219 38.36 -13.02 -30.21
C ARG C 219 38.77 -12.60 -28.79
N ILE C 220 38.19 -13.26 -27.80
CA ILE C 220 38.49 -12.91 -26.45
C ILE C 220 39.92 -13.28 -26.16
N PHE C 221 40.37 -14.45 -26.63
CA PHE C 221 41.75 -14.89 -26.39
C PHE C 221 42.78 -14.07 -27.17
N ARG C 222 42.59 -13.86 -28.46
CA ARG C 222 43.53 -13.03 -29.22
C ARG C 222 43.87 -11.72 -28.47
N THR C 223 42.82 -11.05 -28.00
CA THR C 223 42.95 -9.81 -27.24
C THR C 223 43.55 -9.96 -25.81
N LEU C 224 43.04 -10.86 -24.99
CA LEU C 224 43.37 -10.89 -23.57
C LEU C 224 44.41 -11.98 -23.33
N GLY C 225 44.53 -12.83 -24.33
CA GLY C 225 45.51 -13.87 -24.30
C GLY C 225 44.89 -15.03 -23.64
N THR C 226 45.13 -16.20 -24.20
CA THR C 226 44.62 -17.41 -23.64
C THR C 226 44.89 -17.42 -22.14
N PRO C 227 43.86 -17.78 -21.38
CA PRO C 227 43.97 -17.96 -19.94
C PRO C 227 44.74 -19.22 -19.63
N ASP C 228 45.32 -19.31 -18.45
CA ASP C 228 45.90 -20.56 -17.96
C ASP C 228 45.69 -20.61 -16.47
N GLU C 229 46.11 -21.67 -15.80
CA GLU C 229 45.88 -21.83 -14.36
C GLU C 229 46.59 -20.81 -13.44
N VAL C 230 47.63 -20.17 -13.96
CA VAL C 230 48.20 -19.04 -13.26
C VAL C 230 47.19 -17.88 -13.18
N VAL C 231 46.60 -17.47 -14.30
CA VAL C 231 45.83 -16.25 -14.30
C VAL C 231 44.36 -16.51 -14.06
N TRP C 232 43.94 -17.77 -14.24
CA TRP C 232 42.57 -18.17 -13.89
C TRP C 232 42.51 -19.59 -13.37
N PRO C 233 42.89 -19.81 -12.12
CA PRO C 233 42.69 -21.11 -11.47
C PRO C 233 41.39 -21.80 -11.87
N GLY C 234 41.45 -22.93 -12.53
CA GLY C 234 40.29 -23.75 -12.79
C GLY C 234 39.88 -23.82 -14.26
N VAL C 235 40.39 -22.89 -15.06
CA VAL C 235 40.16 -22.84 -16.52
C VAL C 235 40.09 -24.19 -17.22
N THR C 236 41.15 -25.01 -17.07
CA THR C 236 41.30 -26.24 -17.83
C THR C 236 40.38 -27.36 -17.37
N SER C 237 39.48 -27.07 -16.44
CA SER C 237 38.63 -28.10 -15.86
C SER C 237 37.21 -27.86 -16.27
N MET C 238 36.97 -26.75 -16.92
CA MET C 238 35.63 -26.30 -16.99
C MET C 238 34.93 -27.04 -18.09
N PRO C 239 33.64 -27.29 -17.90
CA PRO C 239 32.86 -27.98 -18.90
C PRO C 239 33.44 -27.90 -20.30
N ASP C 240 33.50 -26.69 -20.90
CA ASP C 240 33.82 -26.59 -22.32
C ASP C 240 35.22 -26.03 -22.60
N TYR C 241 36.11 -26.13 -21.62
CA TYR C 241 37.51 -25.90 -21.91
C TYR C 241 38.11 -27.05 -22.65
N LYS C 242 38.77 -26.72 -23.77
CA LYS C 242 39.53 -27.65 -24.60
C LYS C 242 40.97 -27.18 -24.75
N PRO C 243 41.97 -27.99 -24.36
CA PRO C 243 43.38 -27.57 -24.30
C PRO C 243 44.08 -27.52 -25.68
N SER C 244 43.32 -27.83 -26.72
CA SER C 244 43.70 -27.47 -28.08
C SER C 244 43.66 -25.95 -28.36
N PHE C 245 42.80 -25.24 -27.64
CA PHE C 245 42.80 -23.78 -27.65
C PHE C 245 44.20 -23.20 -27.95
N PRO C 246 44.29 -22.29 -28.93
CA PRO C 246 45.50 -21.50 -29.16
C PRO C 246 46.03 -20.60 -28.03
N LYS C 247 47.33 -20.68 -27.83
CA LYS C 247 48.08 -19.96 -26.79
C LYS C 247 48.52 -18.60 -27.29
N TRP C 248 47.58 -17.68 -27.38
CA TRP C 248 47.84 -16.37 -27.89
C TRP C 248 48.31 -15.61 -26.67
N ALA C 249 49.06 -14.53 -26.88
CA ALA C 249 49.43 -13.69 -25.77
C ALA C 249 48.63 -12.41 -25.74
N ARG C 250 48.59 -11.84 -24.54
CA ARG C 250 47.87 -10.62 -24.24
C ARG C 250 48.34 -9.52 -25.17
N GLN C 251 47.46 -8.57 -25.47
CA GLN C 251 47.82 -7.35 -26.19
C GLN C 251 47.96 -6.20 -25.23
N ASP C 252 48.76 -5.18 -25.57
CA ASP C 252 48.83 -4.01 -24.70
C ASP C 252 47.61 -3.18 -24.95
N PHE C 253 47.00 -2.72 -23.87
CA PHE C 253 45.65 -2.25 -23.95
C PHE C 253 45.54 -1.10 -24.95
N SER C 254 46.59 -0.27 -25.03
CA SER C 254 46.57 0.92 -25.88
C SER C 254 46.37 0.55 -27.36
N LYS C 255 46.66 -0.69 -27.73
CA LYS C 255 46.33 -1.14 -29.07
C LYS C 255 44.86 -1.56 -29.17
N VAL C 256 44.30 -2.07 -28.07
CA VAL C 256 42.85 -2.37 -27.92
C VAL C 256 42.03 -1.06 -27.80
N VAL C 257 42.40 -0.22 -26.84
CA VAL C 257 41.62 0.97 -26.55
C VAL C 257 42.44 2.26 -26.56
N PRO C 258 43.00 2.59 -27.72
CA PRO C 258 43.91 3.74 -27.89
C PRO C 258 43.51 4.98 -27.11
N PRO C 259 42.39 5.59 -27.45
CA PRO C 259 42.04 6.88 -26.90
C PRO C 259 42.13 6.87 -25.39
N LEU C 260 41.80 5.73 -24.79
CA LEU C 260 41.72 5.58 -23.32
C LEU C 260 43.04 5.95 -22.66
N ASP C 261 42.97 6.67 -21.56
CA ASP C 261 44.15 7.00 -20.78
C ASP C 261 44.57 5.80 -19.95
N GLU C 262 45.48 6.02 -18.99
CA GLU C 262 46.04 4.96 -18.09
C GLU C 262 45.06 4.46 -17.04
N ASP C 263 44.27 5.37 -16.48
CA ASP C 263 43.34 5.02 -15.41
C ASP C 263 42.24 4.17 -15.95
N GLY C 264 41.73 4.56 -17.13
CA GLY C 264 40.81 3.78 -17.94
C GLY C 264 41.28 2.38 -18.22
N ARG C 265 42.34 2.23 -19.00
CA ARG C 265 42.92 0.89 -19.27
C ARG C 265 42.90 -0.03 -18.04
N SER C 266 43.07 0.53 -16.85
CA SER C 266 43.03 -0.22 -15.63
C SER C 266 41.60 -0.67 -15.38
N LEU C 267 40.66 0.27 -15.26
CA LEU C 267 39.27 -0.08 -15.02
C LEU C 267 39.01 -1.14 -16.03
N LEU C 268 39.14 -0.78 -17.30
CA LEU C 268 38.78 -1.66 -18.37
C LEU C 268 39.34 -3.01 -18.11
N SER C 269 40.54 -3.07 -17.56
CA SER C 269 41.24 -4.33 -17.44
C SER C 269 40.80 -5.08 -16.22
N GLN C 270 40.21 -4.41 -15.24
CA GLN C 270 39.67 -5.15 -14.09
C GLN C 270 38.21 -5.57 -14.39
N MET C 271 37.63 -4.93 -15.37
CA MET C 271 36.30 -5.28 -15.83
C MET C 271 36.30 -6.51 -16.74
N LEU C 272 37.36 -6.68 -17.51
CA LEU C 272 37.53 -7.84 -18.38
C LEU C 272 38.48 -8.88 -17.81
N HIS C 273 38.79 -8.77 -16.53
CA HIS C 273 39.66 -9.75 -15.88
C HIS C 273 39.07 -11.14 -16.04
N TYR C 274 39.85 -12.06 -16.60
CA TYR C 274 39.39 -13.40 -16.95
C TYR C 274 38.60 -14.06 -15.86
N ASP C 275 39.25 -14.21 -14.72
CA ASP C 275 38.71 -14.94 -13.62
C ASP C 275 37.73 -14.06 -12.87
N PRO C 276 36.49 -14.54 -12.68
CA PRO C 276 35.39 -13.81 -12.03
C PRO C 276 35.55 -13.31 -10.55
N ASN C 277 36.37 -13.98 -9.74
CA ASN C 277 36.62 -13.52 -8.34
C ASN C 277 37.62 -12.37 -8.22
N LYS C 278 38.09 -11.90 -9.37
CA LYS C 278 39.12 -10.86 -9.48
C LYS C 278 38.52 -9.76 -10.27
N ARG C 279 37.59 -10.12 -11.14
CA ARG C 279 36.95 -9.14 -11.98
C ARG C 279 36.38 -8.21 -10.98
N ILE C 280 36.93 -7.01 -10.92
CA ILE C 280 36.39 -5.97 -10.07
C ILE C 280 34.88 -6.05 -10.07
N SER C 281 34.28 -5.76 -8.93
CA SER C 281 32.86 -5.64 -8.81
C SER C 281 32.43 -4.22 -9.04
N ALA C 282 31.18 -3.94 -8.77
CA ALA C 282 30.59 -2.74 -9.29
C ALA C 282 30.66 -1.64 -8.27
N LYS C 283 30.53 -2.04 -7.02
CA LYS C 283 30.86 -1.22 -5.86
C LYS C 283 32.30 -0.72 -5.96
N ALA C 284 33.21 -1.65 -6.20
CA ALA C 284 34.63 -1.38 -6.13
C ALA C 284 35.13 -0.59 -7.34
N ALA C 285 34.37 -0.63 -8.42
CA ALA C 285 34.68 0.17 -9.60
C ALA C 285 34.18 1.61 -9.45
N LEU C 286 33.11 1.80 -8.71
CA LEU C 286 32.64 3.14 -8.35
C LEU C 286 33.77 3.91 -7.63
N ALA C 287 34.79 3.17 -7.18
CA ALA C 287 35.86 3.75 -6.39
C ALA C 287 37.23 3.61 -7.03
N HIS C 288 37.33 3.06 -8.24
CA HIS C 288 38.52 3.22 -9.08
C HIS C 288 38.80 4.72 -9.24
N PRO C 289 40.05 5.09 -9.48
CA PRO C 289 40.45 6.51 -9.69
C PRO C 289 39.90 7.14 -10.95
N PHE C 290 39.81 6.37 -12.02
CA PHE C 290 39.21 6.82 -13.24
C PHE C 290 38.04 7.70 -12.89
N PHE C 291 37.42 7.44 -11.74
CA PHE C 291 36.15 8.07 -11.40
C PHE C 291 36.22 9.18 -10.37
N GLN C 292 37.42 9.40 -9.81
CA GLN C 292 37.73 10.51 -8.90
C GLN C 292 37.28 11.88 -9.43
N ASP C 293 37.42 12.11 -10.73
CA ASP C 293 37.04 13.38 -11.34
C ASP C 293 35.69 13.39 -12.06
N VAL C 294 34.77 12.52 -11.67
CA VAL C 294 33.55 12.34 -12.43
C VAL C 294 32.55 13.54 -12.31
N THR C 295 31.95 13.92 -13.44
CA THR C 295 30.88 14.94 -13.51
C THR C 295 29.65 14.41 -14.28
N LYS C 296 28.64 15.26 -14.45
CA LYS C 296 27.49 14.93 -15.32
C LYS C 296 27.37 15.79 -16.61
N PRO C 297 28.21 15.58 -17.61
CA PRO C 297 28.04 16.32 -18.84
C PRO C 297 26.73 16.05 -19.50
N VAL C 298 26.37 16.89 -20.44
CA VAL C 298 25.21 16.68 -21.27
C VAL C 298 25.72 16.18 -22.63
N PRO C 299 25.02 15.22 -23.22
CA PRO C 299 25.36 14.71 -24.55
C PRO C 299 25.25 15.73 -25.68
N HIS C 300 25.90 15.48 -26.82
CA HIS C 300 25.48 16.09 -28.09
C HIS C 300 24.29 15.36 -28.77
N LEU C 301 23.08 15.95 -28.69
CA LEU C 301 21.96 15.45 -29.47
C LEU C 301 21.84 16.14 -30.82
N VAL D 2 32.76 -14.69 -3.81
CA VAL D 2 31.66 -13.70 -4.09
C VAL D 2 31.19 -12.82 -2.88
N PRO D 3 31.78 -12.98 -1.69
CA PRO D 3 31.67 -11.97 -0.64
C PRO D 3 31.66 -10.53 -1.11
N ASP D 4 31.05 -10.34 -2.27
CA ASP D 4 30.98 -9.02 -2.87
C ASP D 4 29.98 -8.14 -2.09
N TYR D 5 28.73 -8.62 -2.05
CA TYR D 5 27.56 -7.87 -1.55
C TYR D 5 26.98 -8.55 -0.31
N HIS D 6 27.61 -9.64 0.09
CA HIS D 6 27.13 -10.52 1.12
C HIS D 6 26.38 -9.79 2.23
N GLU D 7 26.75 -8.53 2.52
CA GLU D 7 26.09 -7.71 3.57
C GLU D 7 25.00 -6.77 3.06
N ASP D 8 25.06 -6.38 1.80
CA ASP D 8 24.07 -5.47 1.24
C ASP D 8 22.80 -6.26 0.99
N ILE D 9 23.01 -7.45 0.50
CA ILE D 9 21.93 -8.37 0.31
C ILE D 9 21.38 -8.65 1.68
N HIS D 10 22.19 -9.22 2.58
CA HIS D 10 21.67 -9.65 3.87
C HIS D 10 20.83 -8.57 4.53
N THR D 11 21.35 -7.35 4.63
CA THR D 11 20.57 -6.27 5.19
C THR D 11 19.26 -6.13 4.41
N TYR D 12 19.34 -6.11 3.09
CA TYR D 12 18.15 -5.89 2.29
C TYR D 12 17.09 -6.91 2.58
N LEU D 13 17.42 -8.20 2.52
CA LEU D 13 16.46 -9.22 2.83
C LEU D 13 15.88 -8.96 4.22
N ARG D 14 16.72 -8.60 5.18
CA ARG D 14 16.27 -8.41 6.53
C ARG D 14 15.24 -7.30 6.64
N GLU D 15 15.15 -6.48 5.62
CA GLU D 15 14.08 -5.53 5.47
C GLU D 15 12.99 -6.33 4.87
N MET D 16 13.14 -6.69 3.61
CA MET D 16 12.07 -7.33 2.87
C MET D 16 11.20 -8.35 3.61
N GLU D 17 11.79 -9.19 4.48
CA GLU D 17 11.05 -10.26 5.16
C GLU D 17 9.95 -9.75 6.13
N VAL D 18 10.19 -8.57 6.72
CA VAL D 18 9.20 -7.72 7.35
C VAL D 18 8.15 -7.14 6.39
N LYS D 19 8.57 -6.62 5.25
CA LYS D 19 7.60 -6.16 4.28
C LYS D 19 6.87 -7.32 3.57
N CYS D 20 7.40 -8.54 3.66
CA CYS D 20 6.75 -9.69 3.03
C CYS D 20 6.22 -10.72 3.98
N LYS D 21 6.08 -10.41 5.24
CA LYS D 21 5.59 -11.43 6.17
C LYS D 21 4.06 -11.43 6.34
N PRO D 22 3.49 -12.60 6.58
CA PRO D 22 2.04 -12.76 6.73
C PRO D 22 1.58 -12.37 8.12
N LYS D 23 0.26 -12.24 8.33
CA LYS D 23 -0.35 -11.96 9.63
C LYS D 23 -0.37 -13.21 10.50
N VAL D 24 -0.01 -13.07 11.78
CA VAL D 24 0.31 -14.20 12.68
C VAL D 24 -0.82 -15.22 13.01
N GLY D 25 -2.07 -14.84 12.93
CA GLY D 25 -3.11 -15.86 13.01
C GLY D 25 -4.22 -15.48 12.10
N TYR D 26 -3.84 -15.09 10.89
CA TYR D 26 -4.75 -14.66 9.86
C TYR D 26 -5.88 -15.67 9.65
N MET D 27 -5.62 -16.84 10.19
CA MET D 27 -6.54 -17.95 10.16
C MET D 27 -7.77 -17.80 11.08
N LYS D 28 -7.53 -17.28 12.29
CA LYS D 28 -8.55 -16.87 13.24
C LYS D 28 -9.63 -16.05 12.54
N LYS D 29 -9.32 -15.51 11.37
CA LYS D 29 -10.20 -14.61 10.61
C LYS D 29 -10.75 -15.27 9.31
N GLN D 30 -10.41 -16.54 9.09
CA GLN D 30 -10.91 -17.33 7.94
C GLN D 30 -11.96 -18.29 8.48
N PRO D 31 -13.19 -18.13 8.01
CA PRO D 31 -14.31 -18.87 8.56
C PRO D 31 -14.24 -20.34 8.21
N ASP D 32 -13.57 -20.69 7.11
CA ASP D 32 -13.67 -22.03 6.53
C ASP D 32 -12.32 -22.72 6.25
N ILE D 33 -11.28 -22.38 7.00
CA ILE D 33 -10.04 -23.15 6.95
C ILE D 33 -9.23 -22.94 8.22
N THR D 34 -8.30 -23.84 8.51
CA THR D 34 -7.63 -23.88 9.80
C THR D 34 -6.14 -24.14 9.62
N ASN D 35 -5.38 -23.88 10.67
CA ASN D 35 -3.97 -24.17 10.62
C ASN D 35 -3.84 -25.60 10.17
N SER D 36 -4.84 -26.42 10.40
CA SER D 36 -4.74 -27.82 10.03
C SER D 36 -4.70 -28.12 8.53
N MET D 37 -5.71 -27.65 7.84
CA MET D 37 -5.75 -27.79 6.40
C MET D 37 -4.52 -27.14 5.80
N ARG D 38 -4.13 -25.97 6.29
CA ARG D 38 -2.89 -25.38 5.80
C ARG D 38 -1.64 -26.22 6.05
N ALA D 39 -1.53 -26.86 7.20
CA ALA D 39 -0.62 -28.01 7.34
C ALA D 39 -0.70 -29.12 6.27
N ILE D 40 -1.91 -29.60 5.98
CA ILE D 40 -2.09 -30.56 4.89
C ILE D 40 -1.69 -29.96 3.57
N LEU D 41 -2.03 -28.72 3.32
CA LEU D 41 -1.69 -28.06 2.07
C LEU D 41 -0.18 -27.94 1.78
N VAL D 42 0.55 -27.39 2.75
CA VAL D 42 1.96 -27.32 2.69
C VAL D 42 2.50 -28.71 2.42
N ASP D 43 2.11 -29.67 3.24
CA ASP D 43 2.68 -31.00 3.18
C ASP D 43 2.51 -31.61 1.83
N TRP D 44 1.33 -31.49 1.27
CA TRP D 44 1.09 -31.93 -0.09
C TRP D 44 2.04 -31.27 -1.02
N LEU D 45 2.07 -29.93 -0.96
CA LEU D 45 2.91 -29.14 -1.83
C LEU D 45 4.35 -29.62 -1.80
N VAL D 46 4.95 -29.74 -0.61
CA VAL D 46 6.21 -30.50 -0.48
C VAL D 46 6.24 -31.71 -1.42
N GLU D 47 5.29 -32.63 -1.28
CA GLU D 47 5.23 -33.85 -2.10
C GLU D 47 5.18 -33.57 -3.61
N VAL D 48 4.32 -32.64 -4.00
CA VAL D 48 4.42 -32.02 -5.32
C VAL D 48 5.81 -31.59 -5.75
N GLY D 49 6.61 -31.15 -4.78
CA GLY D 49 7.95 -30.65 -5.02
C GLY D 49 9.05 -31.70 -5.19
N GLU D 50 8.76 -32.95 -4.88
CA GLU D 50 9.66 -34.03 -5.28
C GLU D 50 9.30 -34.59 -6.65
N GLU D 51 8.02 -34.84 -6.89
CA GLU D 51 7.56 -35.38 -8.17
C GLU D 51 8.16 -34.63 -9.32
N TYR D 52 8.10 -33.31 -9.23
CA TYR D 52 8.43 -32.49 -10.37
C TYR D 52 9.85 -31.97 -10.30
N LYS D 53 10.54 -32.32 -9.22
CA LYS D 53 11.98 -31.99 -9.00
C LYS D 53 12.29 -30.48 -8.94
N LEU D 54 11.55 -29.78 -8.06
CA LEU D 54 11.64 -28.34 -7.89
C LEU D 54 12.61 -28.13 -6.76
N GLN D 55 13.23 -26.96 -6.79
CA GLN D 55 14.12 -26.51 -5.78
C GLN D 55 13.31 -26.39 -4.52
N ASN D 56 13.94 -26.65 -3.38
CA ASN D 56 13.38 -26.29 -2.10
C ASN D 56 12.86 -24.85 -2.12
N GLU D 57 13.68 -23.86 -2.46
CA GLU D 57 13.23 -22.47 -2.64
C GLU D 57 11.84 -22.30 -3.26
N THR D 58 11.52 -23.05 -4.31
CA THR D 58 10.21 -22.83 -4.88
C THR D 58 9.08 -23.18 -3.94
N LEU D 59 9.35 -24.06 -3.00
CA LEU D 59 8.35 -24.48 -2.08
C LEU D 59 8.19 -23.46 -1.02
N HIS D 60 9.27 -22.92 -0.54
CA HIS D 60 9.21 -21.88 0.48
C HIS D 60 8.58 -20.59 0.01
N LEU D 61 8.99 -20.16 -1.16
CA LEU D 61 8.28 -19.10 -1.86
C LEU D 61 6.84 -19.52 -1.84
N ALA D 62 6.54 -20.55 -2.56
CA ALA D 62 5.18 -20.98 -2.62
C ALA D 62 4.42 -20.78 -1.31
N VAL D 63 4.79 -21.48 -0.24
CA VAL D 63 4.06 -21.35 1.02
C VAL D 63 3.84 -19.86 1.35
N ASN D 64 4.93 -19.10 1.37
CA ASN D 64 4.90 -17.65 1.48
C ASN D 64 3.97 -16.84 0.67
N TYR D 65 3.80 -17.14 -0.60
CA TYR D 65 2.76 -16.48 -1.36
C TYR D 65 1.41 -16.81 -0.74
N ILE D 66 1.16 -18.08 -0.47
CA ILE D 66 -0.13 -18.54 0.05
C ILE D 66 -0.54 -17.80 1.31
N ASP D 67 0.35 -17.77 2.29
CA ASP D 67 0.11 -17.10 3.55
C ASP D 67 -0.20 -15.63 3.36
N ARG D 68 0.69 -14.92 2.71
CA ARG D 68 0.38 -13.55 2.29
C ARG D 68 -0.98 -13.41 1.66
N PHE D 69 -1.38 -14.33 0.80
CA PHE D 69 -2.62 -14.20 0.05
C PHE D 69 -3.83 -14.58 0.87
N LEU D 70 -3.77 -15.63 1.67
CA LEU D 70 -4.89 -15.86 2.58
C LEU D 70 -4.91 -14.93 3.85
N SER D 71 -4.42 -13.71 3.67
CA SER D 71 -4.30 -12.73 4.75
C SER D 71 -5.11 -11.47 4.35
N SER D 72 -5.72 -11.55 3.18
CA SER D 72 -6.69 -10.56 2.75
C SER D 72 -7.62 -11.23 1.69
N MET D 73 -7.31 -12.45 1.35
CA MET D 73 -8.25 -13.24 0.61
C MET D 73 -8.78 -14.37 1.46
N SER D 74 -9.99 -14.22 1.92
CA SER D 74 -10.70 -15.30 2.60
C SER D 74 -11.30 -16.33 1.64
N VAL D 75 -10.76 -17.55 1.67
CA VAL D 75 -11.07 -18.66 0.75
C VAL D 75 -11.88 -19.81 1.44
N LEU D 76 -12.80 -20.43 0.69
CA LEU D 76 -13.48 -21.64 1.12
C LEU D 76 -12.58 -22.89 0.96
N ARG D 77 -12.87 -23.99 1.67
CA ARG D 77 -12.04 -25.22 1.62
C ARG D 77 -12.02 -25.95 0.26
N GLY D 78 -13.13 -25.83 -0.45
CA GLY D 78 -13.15 -26.18 -1.85
C GLY D 78 -12.04 -25.58 -2.69
N LYS D 79 -11.73 -24.30 -2.51
CA LYS D 79 -10.66 -23.67 -3.29
C LYS D 79 -9.31 -23.56 -2.61
N LEU D 80 -9.21 -23.81 -1.31
CA LEU D 80 -7.93 -23.71 -0.62
C LEU D 80 -6.84 -24.28 -1.48
N GLN D 81 -7.06 -25.49 -1.94
CA GLN D 81 -6.04 -26.16 -2.68
C GLN D 81 -5.86 -25.55 -4.06
N LEU D 82 -6.80 -24.75 -4.53
CA LEU D 82 -6.59 -24.06 -5.81
C LEU D 82 -5.76 -22.82 -5.61
N VAL D 83 -5.79 -22.28 -4.43
CA VAL D 83 -4.81 -21.27 -4.07
C VAL D 83 -3.37 -21.81 -4.16
N GLY D 84 -3.09 -22.92 -3.46
CA GLY D 84 -1.76 -23.51 -3.45
C GLY D 84 -1.19 -23.88 -4.81
N THR D 85 -2.05 -24.29 -5.71
CA THR D 85 -1.67 -24.63 -7.09
C THR D 85 -1.26 -23.45 -7.95
N ALA D 86 -1.97 -22.34 -7.89
CA ALA D 86 -1.50 -21.09 -8.45
C ALA D 86 -0.22 -20.54 -7.84
N ALA D 87 -0.03 -20.80 -6.56
CA ALA D 87 1.18 -20.32 -5.95
C ALA D 87 2.42 -21.13 -6.46
N MET D 88 2.47 -22.42 -6.21
CA MET D 88 3.61 -23.21 -6.62
C MET D 88 3.85 -22.83 -8.05
N LEU D 89 2.82 -22.82 -8.92
CA LEU D 89 2.96 -22.30 -10.30
C LEU D 89 3.75 -20.97 -10.44
N LEU D 90 3.21 -19.85 -10.03
CA LEU D 90 4.11 -18.68 -9.85
C LEU D 90 5.53 -18.99 -9.23
N ALA D 91 5.63 -19.64 -8.09
CA ALA D 91 6.93 -19.78 -7.43
C ALA D 91 7.95 -20.40 -8.35
N SER D 92 7.47 -21.29 -9.20
CA SER D 92 8.29 -21.96 -10.15
C SER D 92 8.67 -20.94 -11.21
N LYS D 93 7.85 -20.66 -12.20
CA LYS D 93 8.08 -19.52 -13.07
C LYS D 93 9.06 -18.48 -12.52
N PHE D 94 9.00 -18.23 -11.23
CA PHE D 94 9.95 -17.30 -10.65
C PHE D 94 11.30 -18.00 -10.54
N GLU D 95 11.33 -19.12 -9.84
CA GLU D 95 12.58 -19.69 -9.37
C GLU D 95 13.26 -20.79 -10.25
N GLU D 96 12.44 -21.61 -10.91
CA GLU D 96 12.90 -22.82 -11.58
C GLU D 96 13.46 -22.50 -12.98
N ILE D 97 14.55 -23.16 -13.36
CA ILE D 97 15.07 -23.01 -14.73
C ILE D 97 14.09 -23.61 -15.71
N TYR D 98 13.36 -24.63 -15.26
CA TYR D 98 12.30 -25.32 -16.00
C TYR D 98 11.04 -25.50 -15.17
N PRO D 99 10.21 -24.48 -15.05
CA PRO D 99 8.93 -24.62 -14.35
C PRO D 99 8.08 -25.68 -15.03
N PRO D 100 7.46 -26.56 -14.27
CA PRO D 100 6.55 -27.54 -14.82
C PRO D 100 5.47 -26.77 -15.51
N GLU D 101 4.87 -27.26 -16.58
CA GLU D 101 3.81 -26.46 -17.18
C GLU D 101 2.47 -26.59 -16.49
N VAL D 102 1.47 -25.84 -16.96
CA VAL D 102 0.17 -25.80 -16.29
C VAL D 102 -0.43 -27.20 -16.15
N ALA D 103 -0.75 -27.79 -17.29
CA ALA D 103 -1.45 -29.06 -17.38
C ALA D 103 -0.88 -30.08 -16.41
N GLU D 104 0.40 -29.95 -16.06
CA GLU D 104 1.04 -30.91 -15.18
C GLU D 104 0.57 -30.63 -13.76
N PHE D 105 0.44 -29.36 -13.43
CA PHE D 105 -0.05 -28.99 -12.14
C PHE D 105 -1.50 -29.31 -11.89
N VAL D 106 -2.31 -29.19 -12.92
CA VAL D 106 -3.65 -29.71 -12.96
C VAL D 106 -3.67 -31.21 -12.69
N TYR D 107 -2.87 -31.99 -13.42
CA TYR D 107 -2.90 -33.45 -13.25
C TYR D 107 -2.64 -33.72 -11.83
N ILE D 108 -1.59 -33.14 -11.29
CA ILE D 108 -1.22 -33.46 -9.95
C ILE D 108 -2.32 -33.17 -8.93
N THR D 109 -3.23 -32.26 -9.21
CA THR D 109 -4.40 -32.12 -8.32
C THR D 109 -5.53 -33.10 -8.60
N ASP D 110 -5.34 -33.93 -9.60
CA ASP D 110 -6.28 -34.94 -10.05
C ASP D 110 -7.50 -34.32 -10.75
N ASP D 111 -7.23 -33.36 -11.65
CA ASP D 111 -8.28 -32.62 -12.36
C ASP D 111 -9.29 -32.00 -11.47
N THR D 112 -8.99 -31.84 -10.19
CA THR D 112 -9.93 -31.16 -9.33
C THR D 112 -10.28 -29.84 -9.95
N TYR D 113 -9.33 -29.10 -10.51
CA TYR D 113 -9.55 -27.80 -11.15
C TYR D 113 -9.16 -27.75 -12.63
N THR D 114 -9.80 -26.89 -13.42
CA THR D 114 -9.42 -26.75 -14.85
C THR D 114 -8.19 -25.85 -15.04
N LYS D 115 -7.69 -25.77 -16.26
CA LYS D 115 -6.55 -24.90 -16.56
C LYS D 115 -6.86 -23.40 -16.41
N LYS D 116 -7.96 -22.97 -17.02
CA LYS D 116 -8.47 -21.62 -16.80
C LYS D 116 -8.37 -21.33 -15.30
N GLN D 117 -9.11 -22.09 -14.49
CA GLN D 117 -9.07 -21.97 -13.04
C GLN D 117 -7.64 -21.74 -12.47
N VAL D 118 -6.76 -22.70 -12.57
CA VAL D 118 -5.41 -22.46 -12.12
C VAL D 118 -4.87 -21.17 -12.71
N LEU D 119 -4.88 -20.99 -14.02
CA LEU D 119 -4.41 -19.73 -14.61
C LEU D 119 -4.95 -18.44 -13.95
N ARG D 120 -6.27 -18.32 -13.84
CA ARG D 120 -6.89 -17.22 -13.12
C ARG D 120 -6.41 -17.08 -11.67
N MET D 121 -6.33 -18.16 -10.94
CA MET D 121 -5.93 -18.01 -9.59
C MET D 121 -4.55 -17.36 -9.57
N GLU D 122 -3.78 -17.58 -10.62
CA GLU D 122 -2.45 -17.02 -10.71
C GLU D 122 -2.62 -15.55 -10.94
N HIS D 123 -3.43 -15.22 -11.94
CA HIS D 123 -3.58 -13.82 -12.30
C HIS D 123 -4.14 -13.07 -11.11
N LEU D 124 -5.05 -13.70 -10.39
CA LEU D 124 -5.57 -13.12 -9.15
C LEU D 124 -4.49 -13.08 -8.04
N VAL D 125 -3.74 -14.14 -7.87
CA VAL D 125 -2.66 -14.17 -6.86
C VAL D 125 -1.67 -13.02 -7.02
N LEU D 126 -1.32 -12.70 -8.25
CA LEU D 126 -0.43 -11.58 -8.50
C LEU D 126 -1.10 -10.29 -8.05
N LYS D 127 -2.35 -10.10 -8.47
CA LYS D 127 -3.05 -8.92 -8.05
C LYS D 127 -3.00 -8.73 -6.52
N VAL D 128 -3.60 -9.65 -5.79
CA VAL D 128 -3.71 -9.59 -4.36
C VAL D 128 -2.33 -9.43 -3.71
N LEU D 129 -1.32 -10.04 -4.31
CA LEU D 129 0.06 -9.90 -3.85
C LEU D 129 0.79 -8.68 -4.42
N THR D 130 0.16 -7.97 -5.36
CA THR D 130 0.80 -6.95 -6.27
C THR D 130 2.21 -7.24 -6.74
N PHE D 131 2.44 -8.42 -7.35
CA PHE D 131 3.74 -8.83 -7.92
C PHE D 131 4.95 -8.68 -7.01
N ASP D 132 4.75 -8.62 -5.72
CA ASP D 132 5.88 -8.60 -4.83
C ASP D 132 6.25 -10.01 -4.53
N LEU D 133 7.05 -10.62 -5.40
CA LEU D 133 7.43 -12.04 -5.29
C LEU D 133 8.79 -12.29 -4.66
N ALA D 134 9.74 -11.42 -4.91
CA ALA D 134 11.12 -11.66 -4.53
C ALA D 134 11.25 -11.77 -3.00
N ALA D 135 10.33 -12.51 -2.42
CA ALA D 135 10.31 -12.75 -0.99
C ALA D 135 11.45 -13.53 -0.46
N PRO D 136 12.08 -13.00 0.58
CA PRO D 136 13.09 -13.72 1.37
C PRO D 136 12.51 -14.92 2.08
N THR D 137 13.25 -16.04 2.07
CA THR D 137 12.78 -17.26 2.70
C THR D 137 13.73 -17.77 3.73
N VAL D 138 13.29 -18.75 4.51
CA VAL D 138 14.19 -19.44 5.43
C VAL D 138 15.36 -20.05 4.68
N ASN D 139 15.05 -20.65 3.53
CA ASN D 139 16.02 -21.34 2.69
C ASN D 139 17.17 -20.40 2.45
N GLN D 140 16.83 -19.19 1.95
CA GLN D 140 17.77 -18.12 1.62
C GLN D 140 18.71 -17.71 2.75
N PHE D 141 18.16 -17.28 3.87
CA PHE D 141 19.04 -17.07 5.03
C PHE D 141 19.94 -18.29 5.38
N LEU D 142 19.36 -19.43 5.62
CA LEU D 142 20.13 -20.59 5.91
C LEU D 142 21.44 -20.59 5.11
N THR D 143 21.43 -20.18 3.84
CA THR D 143 22.53 -20.43 2.87
C THR D 143 23.76 -19.49 3.07
N GLN D 144 23.45 -18.30 3.58
CA GLN D 144 24.42 -17.36 4.08
C GLN D 144 24.94 -17.84 5.42
N TYR D 145 24.05 -18.14 6.37
CA TYR D 145 24.48 -18.63 7.66
C TYR D 145 25.45 -19.76 7.37
N PHE D 146 25.14 -20.57 6.37
CA PHE D 146 25.93 -21.79 6.02
C PHE D 146 27.40 -21.45 5.78
N LEU D 147 27.65 -20.20 5.44
CA LEU D 147 28.96 -19.74 5.00
C LEU D 147 29.89 -19.47 6.19
N HIS D 148 29.38 -19.43 7.41
CA HIS D 148 30.19 -19.21 8.59
C HIS D 148 30.55 -20.52 9.27
N GLN D 149 30.52 -21.61 8.50
CA GLN D 149 30.64 -22.98 9.00
C GLN D 149 32.10 -23.39 9.18
N GLN D 150 32.47 -23.94 10.35
CA GLN D 150 33.90 -24.27 10.68
C GLN D 150 34.20 -25.78 10.92
N PRO D 151 34.54 -26.54 9.86
CA PRO D 151 34.24 -26.19 8.45
C PRO D 151 32.84 -26.60 7.94
N ALA D 152 32.68 -26.66 6.62
CA ALA D 152 31.39 -26.95 5.98
C ALA D 152 31.06 -28.41 6.23
N ASN D 153 29.87 -28.68 6.77
CA ASN D 153 29.38 -30.04 6.93
C ASN D 153 28.06 -30.26 6.18
N CYS D 154 28.03 -31.24 5.31
CA CYS D 154 26.83 -31.49 4.56
C CYS D 154 25.69 -31.79 5.56
N LYS D 155 25.81 -32.82 6.39
CA LYS D 155 24.77 -33.15 7.37
C LYS D 155 24.14 -31.98 8.13
N VAL D 156 24.91 -30.94 8.41
CA VAL D 156 24.39 -29.85 9.21
C VAL D 156 23.51 -29.03 8.28
N GLU D 157 24.02 -28.85 7.08
CA GLU D 157 23.28 -28.07 6.11
C GLU D 157 21.95 -28.73 5.87
N SER D 158 21.98 -29.95 5.37
CA SER D 158 20.86 -30.84 5.34
C SER D 158 19.98 -30.85 6.56
N LEU D 159 20.49 -31.13 7.74
CA LEU D 159 19.58 -31.20 8.88
C LEU D 159 18.75 -29.93 8.98
N ALA D 160 19.40 -28.77 8.91
CA ALA D 160 18.69 -27.49 8.93
C ALA D 160 17.58 -27.21 7.87
N MET D 161 17.79 -27.53 6.63
CA MET D 161 16.78 -27.25 5.65
C MET D 161 15.53 -28.12 5.78
N PHE D 162 15.73 -29.24 6.51
CA PHE D 162 14.71 -30.17 7.00
C PHE D 162 13.96 -29.40 8.03
N LEU D 163 14.64 -29.07 9.12
CA LEU D 163 14.07 -28.24 10.18
C LEU D 163 13.36 -27.01 9.61
N GLY D 164 13.99 -26.45 8.60
CA GLY D 164 13.62 -25.18 8.03
C GLY D 164 12.35 -25.44 7.39
N GLU D 165 12.29 -26.56 6.70
CA GLU D 165 11.05 -27.04 6.16
C GLU D 165 10.05 -27.33 7.22
N LEU D 166 10.44 -28.05 8.24
CA LEU D 166 9.43 -28.46 9.18
C LEU D 166 8.78 -27.22 9.77
N SER D 167 9.42 -26.08 9.55
CA SER D 167 8.89 -24.83 10.07
C SER D 167 7.64 -24.41 9.28
N LEU D 168 7.63 -24.81 8.02
CA LEU D 168 6.60 -24.42 7.04
C LEU D 168 5.26 -24.86 7.45
N ILE D 169 5.20 -26.05 8.02
CA ILE D 169 3.95 -26.77 8.15
C ILE D 169 2.94 -26.13 9.10
N ASP D 170 3.42 -25.85 10.33
CA ASP D 170 2.54 -25.31 11.39
C ASP D 170 2.54 -23.73 11.50
N ALA D 171 1.52 -23.10 10.91
CA ALA D 171 1.24 -21.70 11.09
C ALA D 171 1.44 -21.32 12.53
N ASP D 172 1.08 -22.21 13.43
CA ASP D 172 1.21 -21.92 14.85
C ASP D 172 2.20 -22.90 15.48
N PRO D 173 3.42 -22.45 15.78
CA PRO D 173 3.73 -21.02 15.92
C PRO D 173 4.42 -20.27 14.77
N TYR D 174 4.97 -20.91 13.74
CA TYR D 174 6.11 -20.34 13.00
C TYR D 174 5.71 -19.21 12.08
N LEU D 175 4.54 -18.66 12.36
CA LEU D 175 4.13 -17.40 11.79
C LEU D 175 4.55 -16.25 12.71
N LYS D 176 4.80 -16.55 13.98
CA LYS D 176 5.35 -15.57 14.97
C LYS D 176 6.63 -14.99 14.45
N TYR D 177 7.43 -15.87 13.83
CA TYR D 177 8.83 -15.73 13.56
C TYR D 177 9.14 -15.32 12.12
N LEU D 178 10.19 -14.49 11.99
CA LEU D 178 10.67 -14.03 10.72
C LEU D 178 11.61 -15.08 10.17
N PRO D 179 11.61 -15.20 8.84
CA PRO D 179 12.45 -16.19 8.16
C PRO D 179 13.90 -16.23 8.60
N SER D 180 14.46 -15.07 8.89
CA SER D 180 15.85 -14.89 9.40
C SER D 180 16.04 -15.55 10.74
N VAL D 181 15.06 -15.40 11.62
CA VAL D 181 15.11 -16.00 12.93
C VAL D 181 14.89 -17.50 12.96
N ILE D 182 13.95 -17.96 12.14
CA ILE D 182 13.80 -19.39 11.97
C ILE D 182 15.06 -20.00 11.47
N ALA D 183 15.64 -19.46 10.42
CA ALA D 183 16.82 -20.08 9.86
C ALA D 183 17.89 -20.07 10.91
N GLY D 184 17.85 -19.05 11.75
CA GLY D 184 18.71 -18.99 12.88
C GLY D 184 18.59 -20.21 13.78
N ALA D 185 17.38 -20.39 14.31
CA ALA D 185 17.16 -21.47 15.24
C ALA D 185 17.27 -22.84 14.58
N ALA D 186 17.00 -22.95 13.30
CA ALA D 186 17.25 -24.22 12.64
C ALA D 186 18.72 -24.52 12.71
N PHE D 187 19.49 -23.61 12.12
CA PHE D 187 20.96 -23.67 12.05
C PHE D 187 21.65 -24.04 13.35
N HIS D 188 21.32 -23.38 14.43
CA HIS D 188 22.00 -23.74 15.69
C HIS D 188 21.67 -25.17 16.09
N LEU D 189 20.39 -25.44 16.29
CA LEU D 189 19.81 -26.78 16.37
C LEU D 189 20.47 -27.90 15.58
N ALA D 190 20.63 -27.72 14.26
CA ALA D 190 21.36 -28.72 13.47
C ALA D 190 22.78 -28.89 13.99
N LEU D 191 23.55 -27.82 13.95
CA LEU D 191 24.95 -27.88 14.36
C LEU D 191 25.20 -28.43 15.81
N TYR D 192 24.33 -28.09 16.75
CA TYR D 192 24.27 -28.87 17.99
C TYR D 192 24.13 -30.36 17.71
N THR D 193 23.05 -30.75 17.03
CA THR D 193 22.69 -32.16 16.82
C THR D 193 23.74 -32.99 16.08
N VAL D 194 24.56 -32.36 15.27
CA VAL D 194 25.55 -33.12 14.49
C VAL D 194 27.01 -32.91 14.87
N THR D 195 27.30 -31.90 15.70
CA THR D 195 28.68 -31.50 15.96
C THR D 195 28.89 -31.01 17.41
N GLY D 196 27.82 -30.62 18.09
CA GLY D 196 27.89 -30.20 19.47
C GLY D 196 28.25 -28.73 19.50
N GLN D 197 28.49 -28.20 18.29
CA GLN D 197 28.90 -26.81 18.08
C GLN D 197 27.76 -25.87 18.50
N SER D 198 27.86 -24.57 18.20
CA SER D 198 26.72 -23.67 18.39
C SER D 198 26.69 -22.40 17.51
N TRP D 199 25.52 -21.76 17.46
CA TRP D 199 25.39 -20.51 16.73
C TRP D 199 26.74 -19.80 16.86
N PRO D 200 27.43 -19.57 15.73
CA PRO D 200 28.73 -18.92 15.75
C PRO D 200 28.66 -17.40 15.83
N GLU D 201 29.72 -16.87 16.41
CA GLU D 201 29.82 -15.49 16.85
C GLU D 201 30.02 -14.54 15.67
N SER D 202 30.45 -15.06 14.55
CA SER D 202 30.40 -14.33 13.31
C SER D 202 28.95 -14.00 12.91
N LEU D 203 28.02 -14.96 13.10
CA LEU D 203 26.61 -14.74 12.78
C LEU D 203 25.88 -14.02 13.88
N ILE D 204 26.42 -14.04 15.09
CA ILE D 204 25.93 -13.13 16.13
C ILE D 204 26.15 -11.72 15.71
N ARG D 205 27.21 -11.49 14.97
CA ARG D 205 27.56 -10.15 14.51
C ARG D 205 26.97 -9.84 13.17
N LYS D 206 26.68 -10.86 12.37
CA LYS D 206 26.12 -10.57 11.08
C LYS D 206 24.65 -10.28 11.26
N THR D 207 24.13 -10.63 12.45
CA THR D 207 22.67 -10.68 12.67
C THR D 207 22.03 -9.90 13.84
N GLY D 208 22.81 -9.62 14.87
CA GLY D 208 22.29 -9.05 16.12
C GLY D 208 21.58 -10.06 17.00
N TYR D 209 21.66 -11.32 16.64
CA TYR D 209 20.79 -12.33 17.22
C TYR D 209 21.81 -13.12 18.09
N THR D 210 21.55 -13.15 19.39
CA THR D 210 22.36 -13.95 20.29
C THR D 210 21.62 -15.26 20.53
N LEU D 211 22.27 -16.21 21.18
CA LEU D 211 21.52 -17.38 21.62
C LEU D 211 20.19 -16.96 22.24
N GLU D 212 20.27 -16.16 23.29
CA GLU D 212 19.11 -15.62 23.98
C GLU D 212 18.01 -15.21 22.99
N SER D 213 18.36 -14.38 22.01
CA SER D 213 17.35 -13.77 21.12
C SER D 213 16.54 -14.81 20.37
N LEU D 214 17.25 -15.81 19.86
CA LEU D 214 16.62 -16.86 19.12
C LEU D 214 15.98 -17.95 19.97
N LYS D 215 15.84 -17.76 21.27
CA LYS D 215 15.53 -18.88 22.18
C LYS D 215 14.02 -19.16 22.19
N PRO D 216 13.22 -18.12 22.14
CA PRO D 216 11.79 -18.31 22.01
C PRO D 216 11.52 -19.18 20.79
N CYS D 217 12.12 -18.84 19.66
CA CYS D 217 11.84 -19.54 18.40
C CYS D 217 12.50 -20.90 18.35
N LEU D 218 13.48 -21.11 19.20
CA LEU D 218 14.31 -22.27 19.05
C LEU D 218 13.65 -23.40 19.78
N MET D 219 13.03 -23.11 20.91
CA MET D 219 12.44 -24.18 21.67
C MET D 219 11.29 -24.73 20.86
N ASP D 220 10.32 -23.90 20.46
CA ASP D 220 9.23 -24.31 19.58
C ASP D 220 9.74 -25.30 18.52
N LEU D 221 10.66 -24.86 17.69
CA LEU D 221 11.16 -25.69 16.58
C LEU D 221 11.96 -26.88 17.07
N HIS D 222 12.44 -26.85 18.30
CA HIS D 222 12.91 -28.05 18.99
C HIS D 222 11.85 -29.15 19.17
N GLN D 223 10.85 -28.86 19.99
CA GLN D 223 9.71 -29.73 20.15
C GLN D 223 9.19 -30.28 18.82
N THR D 224 8.89 -29.37 17.87
CA THR D 224 8.68 -29.78 16.49
C THR D 224 9.68 -30.87 16.13
N TYR D 225 10.96 -30.54 16.18
CA TYR D 225 11.95 -31.58 16.03
C TYR D 225 11.53 -32.86 16.79
N LEU D 226 11.54 -32.85 18.13
CA LEU D 226 11.17 -34.05 18.90
C LEU D 226 9.95 -34.74 18.29
N LYS D 227 8.79 -34.14 18.38
CA LYS D 227 7.56 -34.82 17.93
C LYS D 227 7.55 -35.05 16.44
N ALA D 228 8.57 -34.69 15.72
CA ALA D 228 8.40 -34.66 14.27
C ALA D 228 7.90 -35.98 13.61
N PRO D 229 8.34 -37.15 14.06
CA PRO D 229 7.90 -38.41 13.45
C PRO D 229 6.50 -38.85 13.90
N GLN D 230 5.83 -37.97 14.64
CA GLN D 230 4.49 -38.24 15.15
C GLN D 230 3.51 -37.21 14.61
N HIS D 231 4.05 -36.11 14.10
CA HIS D 231 3.26 -35.14 13.34
C HIS D 231 2.35 -35.85 12.37
N ALA D 232 1.15 -35.36 12.19
CA ALA D 232 0.28 -35.96 11.20
C ALA D 232 0.89 -35.93 9.80
N GLN D 233 1.88 -35.07 9.59
CA GLN D 233 2.46 -34.85 8.26
C GLN D 233 3.90 -35.30 8.13
N GLN D 234 4.14 -36.17 7.17
CA GLN D 234 5.36 -36.90 7.15
C GLN D 234 6.14 -36.73 5.88
N SER D 235 5.80 -35.84 5.00
CA SER D 235 6.44 -35.89 3.68
C SER D 235 7.76 -35.22 3.74
N ILE D 236 7.85 -34.18 4.55
CA ILE D 236 9.11 -33.56 4.89
C ILE D 236 9.99 -34.57 5.56
N ARG D 237 9.46 -35.33 6.48
CA ARG D 237 10.22 -36.49 6.94
C ARG D 237 10.69 -37.53 5.91
N GLU D 238 9.73 -38.16 5.21
CA GLU D 238 10.03 -39.08 4.10
C GLU D 238 10.98 -38.52 3.06
N LYS D 239 10.67 -37.39 2.46
CA LYS D 239 11.62 -36.72 1.59
C LYS D 239 13.07 -36.80 2.09
N TYR D 240 13.29 -36.44 3.36
CA TYR D 240 14.62 -36.24 3.88
C TYR D 240 15.17 -37.55 4.42
N LYS D 241 14.96 -38.58 3.64
CA LYS D 241 15.43 -39.92 3.98
C LYS D 241 16.22 -40.53 2.81
N ASN D 242 16.11 -39.96 1.62
CA ASN D 242 17.11 -40.24 0.58
C ASN D 242 18.52 -39.88 1.03
N SER D 243 19.49 -40.43 0.32
CA SER D 243 20.88 -40.00 0.48
C SER D 243 21.03 -38.53 0.07
N LYS D 244 20.44 -38.19 -1.08
CA LYS D 244 20.30 -36.81 -1.52
C LYS D 244 20.49 -35.91 -0.34
N TYR D 245 19.70 -36.11 0.69
CA TYR D 245 19.67 -35.20 1.82
C TYR D 245 20.41 -35.79 3.03
N HIS D 246 21.07 -36.94 2.82
CA HIS D 246 22.04 -37.52 3.73
C HIS D 246 21.38 -38.20 4.92
N GLY D 247 20.20 -38.75 4.66
CA GLY D 247 19.37 -39.36 5.70
C GLY D 247 18.97 -38.58 6.96
N VAL D 248 19.00 -37.26 6.92
CA VAL D 248 19.04 -36.51 8.17
C VAL D 248 17.77 -36.68 9.03
N SER D 249 16.63 -36.91 8.42
CA SER D 249 15.41 -37.07 9.19
C SER D 249 15.57 -38.20 10.22
N LEU D 250 16.46 -39.13 9.96
CA LEU D 250 16.77 -40.22 10.90
C LEU D 250 17.68 -39.83 12.09
N LEU D 251 18.52 -38.84 11.92
CA LEU D 251 19.22 -38.36 13.05
C LEU D 251 18.25 -38.24 14.19
N ASN D 252 18.74 -38.56 15.38
CA ASN D 252 17.95 -38.35 16.57
C ASN D 252 18.22 -36.98 17.14
N PRO D 253 17.17 -36.26 17.43
CA PRO D 253 17.29 -34.92 17.98
C PRO D 253 17.98 -34.95 19.31
N PRO D 254 18.76 -33.95 19.60
CA PRO D 254 19.35 -33.88 20.93
C PRO D 254 18.23 -34.03 21.92
N GLU D 255 18.56 -34.34 23.17
CA GLU D 255 17.57 -34.58 24.21
C GLU D 255 16.98 -33.29 24.82
N THR D 256 17.68 -32.17 24.67
CA THR D 256 17.45 -30.95 25.47
C THR D 256 18.53 -29.92 25.07
N LEU D 257 18.21 -28.62 25.07
CA LEU D 257 19.01 -27.66 24.33
C LEU D 257 20.09 -26.99 25.15
N ASN D 258 19.85 -26.92 26.47
CA ASN D 258 20.79 -26.39 27.48
C ASN D 258 21.29 -24.94 27.22
N LEU D 259 20.35 -24.01 27.06
CA LEU D 259 20.69 -22.62 26.72
C LEU D 259 20.70 -21.74 27.97
N GLY E 2 -16.31 38.82 -7.87
CA GLY E 2 -16.99 37.91 -8.82
C GLY E 2 -16.27 37.61 -10.13
N SER E 3 -15.05 37.06 -10.04
CA SER E 3 -13.99 37.15 -11.07
C SER E 3 -12.76 36.34 -10.66
N ALA E 4 -12.85 35.03 -10.73
CA ALA E 4 -11.78 34.14 -10.26
C ALA E 4 -11.46 33.13 -11.32
N LYS E 5 -12.31 33.05 -12.33
CA LYS E 5 -12.08 32.14 -13.42
C LYS E 5 -10.87 32.67 -14.05
N ARG E 6 -10.17 31.82 -14.76
CA ARG E 6 -8.79 32.08 -15.09
C ARG E 6 -8.18 30.78 -15.52
N ARG E 7 -7.21 30.92 -16.41
CA ARG E 7 -6.44 29.86 -16.99
C ARG E 7 -5.03 30.08 -16.48
N LEU E 8 -4.54 29.15 -15.67
CA LEU E 8 -3.37 29.42 -14.90
C LEU E 8 -2.08 29.36 -15.70
N PHE E 9 -1.97 28.37 -16.60
CA PHE E 9 -0.72 28.18 -17.35
C PHE E 9 -0.86 27.99 -18.90
N GLY E 10 0.21 27.56 -19.56
CA GLY E 10 0.10 27.28 -20.99
C GLY E 10 -0.76 26.05 -21.17
N GLU E 11 -2.08 26.26 -20.99
CA GLU E 11 -3.17 25.24 -20.76
C GLU E 11 -3.31 24.70 -19.30
N ALA F 4 1.63 -38.50 -6.73
CA ALA F 4 1.11 -37.62 -5.66
C ALA F 4 -0.06 -36.74 -6.14
N LYS F 5 -0.75 -37.14 -7.19
CA LYS F 5 -1.98 -36.45 -7.50
C LYS F 5 -2.87 -36.81 -6.36
N ARG F 6 -3.73 -35.87 -5.99
CA ARG F 6 -4.40 -35.89 -4.70
C ARG F 6 -5.38 -34.69 -4.60
N ARG F 7 -6.66 -35.01 -4.59
CA ARG F 7 -7.67 -34.13 -4.05
C ARG F 7 -7.36 -34.08 -2.54
N LEU F 8 -7.62 -32.99 -1.88
CA LEU F 8 -7.27 -32.92 -0.47
C LEU F 8 -8.49 -32.63 0.36
N PHE F 9 -9.39 -31.80 -0.16
CA PHE F 9 -10.56 -31.37 0.59
C PHE F 9 -11.80 -31.57 -0.30
N GLY F 10 -13.01 -31.40 0.24
CA GLY F 10 -14.20 -31.50 -0.57
C GLY F 10 -14.16 -30.50 -1.72
N GLU F 11 -13.08 -30.54 -2.52
CA GLU F 11 -13.00 -29.96 -3.90
C GLU F 11 -11.57 -29.48 -4.16
#